data_6ZYJ
#
_entry.id   6ZYJ
#
_cell.length_a   73.677
_cell.length_b   78.039
_cell.length_c   75.377
_cell.angle_alpha   90.000
_cell.angle_beta   101.260
_cell.angle_gamma   90.000
#
_symmetry.space_group_name_H-M   'P 1 21 1'
#
loop_
_entity.id
_entity.type
_entity.pdbx_description
1 polymer 'Heat shock cognate 71 kDa protein'
2 non-polymer 'ACETATE ION'
3 non-polymer 'CALCIUM ION'
4 non-polymer "ADENOSINE-5'-DIPHOSPHATE"
5 non-polymer GLYCEROL
6 water water
#
_entity_poly.entity_id   1
_entity_poly.type   'polypeptide(L)'
_entity_poly.pdbx_seq_one_letter_code
;PAVGIDLGTTYSCVGVFQHGKVEIIANDQGNRTTPSYVAFTDTERLIGDAAKNQVAMNPTNTVFDAKRLIGRRFDDAVVQ
SDMKHWPFMVVNDAGRPKVQVEYKGETKSFYPEEVSSMVLTKMKEIAEAYLGKTVTNAVVTVPAYFNDSQRQATKDAGTI
AGLNVLRIINEPTAAAIAYGLDKKVGAERNVLIFDLGGGTFDVSILTIEDGIFEVKSTAGDTHLGGEDFDNRMVNHFIAE
FKRKHKKDISENKRAVRRLRTACERAKRTLSSSTQASIEIDSLYEGIDFYTSITRARFEELNADLFRGTLDPVEKALRDA
KLDKSQIHDIVLVGGSTRIPKIQKLLQDFFNGKELNKSINPDEAVAYGAAVQAAILSGDK
;
_entity_poly.pdbx_strand_id   A,B
#
loop_
_chem_comp.id
_chem_comp.type
_chem_comp.name
_chem_comp.formula
ACT non-polymer 'ACETATE ION' 'C2 H3 O2 -1'
ADP non-polymer ADENOSINE-5'-DIPHOSPHATE 'C10 H15 N5 O10 P2'
CA non-polymer 'CALCIUM ION' 'Ca 2'
GOL non-polymer GLYCEROL 'C3 H8 O3'
#
# COMPACT_ATOMS: atom_id res chain seq x y z
N PRO A 1 -26.88 38.93 -4.33
CA PRO A 1 -26.60 37.49 -4.38
C PRO A 1 -25.18 37.12 -3.91
N ALA A 2 -25.08 36.47 -2.75
CA ALA A 2 -23.81 36.00 -2.15
C ALA A 2 -23.52 34.56 -2.61
N VAL A 3 -22.26 34.28 -2.97
CA VAL A 3 -21.84 32.98 -3.58
C VAL A 3 -20.87 32.27 -2.63
N GLY A 4 -20.77 30.95 -2.75
CA GLY A 4 -19.75 30.12 -2.10
C GLY A 4 -18.68 29.71 -3.09
N ILE A 5 -17.41 30.00 -2.80
CA ILE A 5 -16.27 29.67 -3.70
C ILE A 5 -15.32 28.68 -3.00
N ASP A 6 -15.21 27.48 -3.56
CA ASP A 6 -14.15 26.49 -3.24
C ASP A 6 -12.93 26.88 -4.07
N LEU A 7 -11.93 27.49 -3.44
CA LEU A 7 -10.62 27.85 -4.05
C LEU A 7 -9.66 26.67 -3.82
N GLY A 8 -9.76 25.65 -4.67
CA GLY A 8 -9.01 24.38 -4.51
C GLY A 8 -7.60 24.47 -5.08
N THR A 9 -6.77 23.48 -4.76
CA THR A 9 -5.34 23.40 -5.14
C THR A 9 -5.20 23.37 -6.66
N THR A 10 -6.05 22.58 -7.35
CA THR A 10 -5.98 22.32 -8.81
C THR A 10 -7.27 22.78 -9.52
N TYR A 11 -8.43 22.73 -8.85
CA TYR A 11 -9.72 23.21 -9.39
C TYR A 11 -10.40 24.16 -8.41
N SER A 12 -11.21 25.08 -8.94
CA SER A 12 -12.08 25.99 -8.16
C SER A 12 -13.53 25.81 -8.63
N CYS A 13 -14.47 26.04 -7.72
CA CYS A 13 -15.93 25.78 -7.88
C CYS A 13 -16.71 26.88 -7.19
N VAL A 14 -17.75 27.42 -7.84
CA VAL A 14 -18.61 28.52 -7.31
C VAL A 14 -20.08 28.05 -7.33
N GLY A 15 -20.77 28.22 -6.19
CA GLY A 15 -22.19 27.90 -6.02
C GLY A 15 -22.98 29.10 -5.52
N VAL A 16 -24.28 29.11 -5.76
CA VAL A 16 -25.22 30.13 -5.22
C VAL A 16 -26.47 29.42 -4.69
N PHE A 17 -26.84 29.72 -3.45
CA PHE A 17 -28.14 29.30 -2.85
C PHE A 17 -29.20 30.32 -3.26
N GLN A 18 -30.15 29.88 -4.10
CA GLN A 18 -31.31 30.68 -4.57
C GLN A 18 -32.57 29.82 -4.52
N HIS A 19 -33.67 30.38 -4.00
CA HIS A 19 -35.03 29.76 -4.02
C HIS A 19 -34.97 28.33 -3.46
N GLY A 20 -34.27 28.15 -2.33
CA GLY A 20 -34.33 26.93 -1.51
C GLY A 20 -33.46 25.79 -2.01
N LYS A 21 -32.45 26.07 -2.85
CA LYS A 21 -31.52 25.04 -3.36
C LYS A 21 -30.21 25.67 -3.86
N VAL A 22 -29.12 24.90 -3.82
CA VAL A 22 -27.78 25.30 -4.33
C VAL A 22 -27.73 25.04 -5.84
N GLU A 23 -27.24 26.00 -6.61
CA GLU A 23 -26.89 25.85 -8.04
C GLU A 23 -25.36 26.01 -8.17
N ILE A 24 -24.68 24.92 -8.51
CA ILE A 24 -23.23 24.94 -8.88
C ILE A 24 -23.14 25.45 -10.32
N ILE A 25 -22.39 26.53 -10.53
CA ILE A 25 -22.45 27.36 -11.76
C ILE A 25 -21.39 26.85 -12.75
N ALA A 26 -21.81 26.46 -13.95
CA ALA A 26 -20.94 26.07 -15.08
C ALA A 26 -20.28 27.31 -15.67
N ASN A 27 -18.99 27.21 -16.02
CA ASN A 27 -18.22 28.29 -16.71
C ASN A 27 -18.68 28.33 -18.18
N ASP A 28 -18.11 29.24 -18.98
CA ASP A 28 -18.54 29.45 -20.40
C ASP A 28 -18.17 28.23 -21.25
N GLN A 29 -17.33 27.31 -20.73
CA GLN A 29 -16.97 26.02 -21.38
C GLN A 29 -17.90 24.90 -20.90
N GLY A 30 -18.92 25.23 -20.10
CA GLY A 30 -19.93 24.27 -19.60
C GLY A 30 -19.42 23.43 -18.43
N ASN A 31 -18.28 23.81 -17.85
CA ASN A 31 -17.59 23.03 -16.78
C ASN A 31 -17.98 23.61 -15.41
N ARG A 32 -18.40 22.73 -14.48
CA ARG A 32 -18.84 23.12 -13.11
C ARG A 32 -17.63 23.27 -12.17
N THR A 33 -16.43 22.94 -12.65
CA THR A 33 -15.13 23.20 -11.98
C THR A 33 -14.20 23.91 -12.98
N THR A 34 -13.31 24.78 -12.48
CA THR A 34 -12.37 25.59 -13.28
C THR A 34 -10.96 25.35 -12.76
N PRO A 35 -9.99 24.95 -13.63
CA PRO A 35 -8.60 24.82 -13.21
C PRO A 35 -8.08 26.08 -12.48
N SER A 36 -7.42 25.88 -11.33
CA SER A 36 -6.74 26.96 -10.55
C SER A 36 -5.40 27.29 -11.21
N TYR A 37 -5.45 27.66 -12.50
CA TYR A 37 -4.29 27.94 -13.39
C TYR A 37 -4.38 29.37 -13.90
N VAL A 38 -3.24 30.06 -13.96
CA VAL A 38 -3.10 31.38 -14.65
C VAL A 38 -1.85 31.30 -15.55
N ALA A 39 -1.98 31.74 -16.80
CA ALA A 39 -0.91 31.73 -17.83
C ALA A 39 -0.63 33.15 -18.30
N PHE A 40 0.65 33.44 -18.59
CA PHE A 40 1.15 34.74 -19.11
C PHE A 40 1.87 34.48 -20.43
N THR A 41 1.39 35.11 -21.50
CA THR A 41 1.90 34.96 -22.89
C THR A 41 2.46 36.30 -23.36
N ASP A 42 2.91 36.36 -24.62
CA ASP A 42 3.46 37.58 -25.25
C ASP A 42 2.34 38.63 -25.46
N THR A 43 1.07 38.21 -25.45
CA THR A 43 -0.09 39.07 -25.78
C THR A 43 -1.06 39.21 -24.59
N GLU A 44 -1.37 38.13 -23.86
CA GLU A 44 -2.51 38.11 -22.90
C GLU A 44 -2.19 37.32 -21.63
N ARG A 45 -3.06 37.46 -20.64
CA ARG A 45 -3.10 36.67 -19.37
C ARG A 45 -4.33 35.78 -19.41
N LEU A 46 -4.14 34.45 -19.29
CA LEU A 46 -5.22 33.42 -19.36
C LEU A 46 -5.49 32.90 -17.94
N ILE A 47 -6.76 32.58 -17.65
CA ILE A 47 -7.19 31.97 -16.35
C ILE A 47 -8.07 30.76 -16.65
N GLY A 48 -7.94 29.70 -15.84
CA GLY A 48 -8.78 28.49 -15.92
C GLY A 48 -8.36 27.59 -17.06
N ASP A 49 -9.33 27.05 -17.79
CA ASP A 49 -9.12 26.04 -18.87
C ASP A 49 -8.11 26.57 -19.91
N ALA A 50 -8.27 27.82 -20.36
CA ALA A 50 -7.43 28.46 -21.39
C ALA A 50 -5.96 28.41 -20.96
N ALA A 51 -5.67 28.63 -19.66
CA ALA A 51 -4.32 28.60 -19.08
C ALA A 51 -3.79 27.16 -19.05
N LYS A 52 -4.57 26.22 -18.53
CA LYS A 52 -4.16 24.79 -18.40
C LYS A 52 -3.95 24.18 -19.79
N ASN A 53 -4.78 24.57 -20.77
CA ASN A 53 -4.80 23.98 -22.13
C ASN A 53 -3.50 24.30 -22.90
N GLN A 54 -2.77 25.36 -22.51
CA GLN A 54 -1.55 25.83 -23.23
C GLN A 54 -0.29 25.59 -22.38
N VAL A 55 -0.40 24.79 -21.32
CA VAL A 55 0.68 24.61 -20.29
C VAL A 55 1.92 23.99 -20.94
N ALA A 56 1.76 23.05 -21.87
CA ALA A 56 2.88 22.31 -22.50
C ALA A 56 3.65 23.21 -23.48
N MET A 57 2.98 24.22 -24.05
CA MET A 57 3.57 25.19 -25.01
C MET A 57 4.25 26.35 -24.27
N ASN A 58 3.90 26.57 -22.99
CA ASN A 58 4.30 27.76 -22.21
C ASN A 58 4.51 27.38 -20.73
N PRO A 59 5.30 26.31 -20.44
CA PRO A 59 5.37 25.75 -19.08
C PRO A 59 5.91 26.71 -18.01
N THR A 60 6.89 27.55 -18.36
CA THR A 60 7.61 28.43 -17.40
C THR A 60 6.74 29.63 -17.00
N ASN A 61 5.77 30.01 -17.84
CA ASN A 61 4.89 31.20 -17.62
C ASN A 61 3.46 30.76 -17.29
N THR A 62 3.23 29.48 -16.99
CA THR A 62 1.91 28.93 -16.57
C THR A 62 1.98 28.56 -15.09
N VAL A 63 1.26 29.29 -14.24
CA VAL A 63 1.35 29.20 -12.76
C VAL A 63 0.17 28.37 -12.25
N PHE A 64 0.46 27.45 -11.32
CA PHE A 64 -0.51 26.62 -10.56
C PHE A 64 0.04 26.40 -9.15
N ASP A 65 -0.73 25.72 -8.29
CA ASP A 65 -0.35 25.37 -6.90
C ASP A 65 -0.08 26.65 -6.08
N ALA A 66 -0.68 27.79 -6.45
CA ALA A 66 -0.58 29.05 -5.70
C ALA A 66 -1.01 28.81 -4.24
N LYS A 67 -1.97 27.91 -4.03
CA LYS A 67 -2.51 27.54 -2.69
C LYS A 67 -1.40 26.97 -1.80
N ARG A 68 -0.37 26.34 -2.37
CA ARG A 68 0.79 25.78 -1.62
C ARG A 68 1.70 26.91 -1.13
N LEU A 69 1.64 28.08 -1.78
CA LEU A 69 2.50 29.26 -1.46
C LEU A 69 1.74 30.26 -0.58
N ILE A 70 0.41 30.34 -0.72
CA ILE A 70 -0.40 31.46 -0.14
C ILE A 70 -0.18 31.53 1.37
N GLY A 71 0.10 32.73 1.89
CA GLY A 71 0.26 33.04 3.32
C GLY A 71 1.54 32.47 3.94
N ARG A 72 2.52 32.10 3.12
CA ARG A 72 3.81 31.51 3.58
C ARG A 72 4.97 32.49 3.29
N ARG A 73 6.12 32.25 3.92
CA ARG A 73 7.40 32.97 3.69
C ARG A 73 8.29 32.14 2.77
N PHE A 74 9.20 32.77 2.04
CA PHE A 74 10.11 32.13 1.05
C PHE A 74 10.95 31.04 1.72
N ASP A 75 11.42 31.30 2.94
CA ASP A 75 12.39 30.44 3.67
C ASP A 75 11.69 29.23 4.31
N ASP A 76 10.35 29.23 4.36
CA ASP A 76 9.53 28.08 4.88
C ASP A 76 9.98 26.78 4.18
N ALA A 77 10.17 25.72 4.96
CA ALA A 77 10.70 24.40 4.50
C ALA A 77 9.79 23.83 3.40
N VAL A 78 8.47 24.01 3.53
CA VAL A 78 7.45 23.48 2.58
C VAL A 78 7.63 24.16 1.22
N VAL A 79 7.89 25.47 1.22
CA VAL A 79 8.06 26.30 -0.01
C VAL A 79 9.32 25.84 -0.76
N GLN A 80 10.44 25.66 -0.04
CA GLN A 80 11.75 25.27 -0.62
C GLN A 80 11.66 23.85 -1.21
N SER A 81 10.92 22.95 -0.55
CA SER A 81 10.68 21.55 -1.00
C SER A 81 9.80 21.55 -2.25
N ASP A 82 8.75 22.38 -2.29
CA ASP A 82 7.71 22.41 -3.35
C ASP A 82 8.26 23.00 -4.65
N MET A 83 9.15 24.00 -4.56
CA MET A 83 9.74 24.72 -5.72
C MET A 83 10.44 23.73 -6.66
N LYS A 84 10.93 22.61 -6.13
CA LYS A 84 11.66 21.55 -6.88
C LYS A 84 10.74 20.87 -7.91
N HIS A 85 9.42 21.01 -7.76
CA HIS A 85 8.39 20.32 -8.59
C HIS A 85 7.67 21.29 -9.54
N TRP A 86 8.02 22.58 -9.54
CA TRP A 86 7.36 23.61 -10.40
C TRP A 86 8.30 24.03 -11.54
N PRO A 87 7.80 24.14 -12.78
CA PRO A 87 8.59 24.67 -13.90
C PRO A 87 8.72 26.20 -13.89
N PHE A 88 7.81 26.88 -13.17
CA PHE A 88 7.81 28.36 -12.98
C PHE A 88 8.78 28.72 -11.84
N MET A 89 9.31 29.94 -11.88
CA MET A 89 10.31 30.47 -10.91
C MET A 89 9.58 31.04 -9.69
N VAL A 90 10.07 30.71 -8.50
CA VAL A 90 9.67 31.33 -7.20
C VAL A 90 10.88 32.08 -6.65
N VAL A 91 10.77 33.40 -6.47
CA VAL A 91 11.87 34.29 -6.01
C VAL A 91 11.50 34.88 -4.64
N ASN A 92 12.52 35.35 -3.91
CA ASN A 92 12.42 35.98 -2.57
C ASN A 92 12.33 37.50 -2.75
N ASP A 93 11.21 38.11 -2.36
CA ASP A 93 11.04 39.58 -2.25
C ASP A 93 10.83 39.92 -0.77
N ALA A 94 11.92 40.22 -0.05
CA ALA A 94 11.93 40.66 1.36
C ALA A 94 11.29 39.60 2.26
N GLY A 95 11.63 38.33 2.06
CA GLY A 95 11.19 37.19 2.88
C GLY A 95 9.86 36.60 2.42
N ARG A 96 9.24 37.19 1.40
CA ARG A 96 7.93 36.77 0.85
C ARG A 96 8.15 36.09 -0.50
N PRO A 97 7.48 34.94 -0.78
CA PRO A 97 7.60 34.28 -2.07
C PRO A 97 6.78 35.01 -3.15
N LYS A 98 7.34 35.14 -4.34
CA LYS A 98 6.65 35.64 -5.56
C LYS A 98 6.95 34.68 -6.71
N VAL A 99 5.95 34.41 -7.56
CA VAL A 99 6.16 33.66 -8.84
C VAL A 99 6.62 34.68 -9.88
N GLN A 100 7.75 34.41 -10.55
CA GLN A 100 8.34 35.27 -11.61
C GLN A 100 8.06 34.64 -12.97
N VAL A 101 7.54 35.43 -13.91
CA VAL A 101 7.15 34.97 -15.28
C VAL A 101 7.59 36.02 -16.32
N GLU A 102 7.47 35.67 -17.60
CA GLU A 102 7.52 36.59 -18.76
C GLU A 102 6.08 36.90 -19.18
N TYR A 103 5.75 38.19 -19.35
CA TYR A 103 4.38 38.67 -19.67
C TYR A 103 4.48 39.94 -20.53
N LYS A 104 4.02 39.84 -21.78
CA LYS A 104 4.04 40.92 -22.80
C LYS A 104 5.49 41.41 -23.01
N GLY A 105 6.47 40.49 -22.95
CA GLY A 105 7.89 40.76 -23.23
C GLY A 105 8.70 41.14 -22.00
N GLU A 106 8.03 41.44 -20.87
CA GLU A 106 8.66 41.96 -19.63
C GLU A 106 8.65 40.89 -18.53
N THR A 107 9.72 40.83 -17.73
CA THR A 107 9.82 40.00 -16.50
C THR A 107 8.93 40.59 -15.40
N LYS A 108 7.94 39.83 -14.93
CA LYS A 108 6.96 40.26 -13.90
C LYS A 108 6.94 39.22 -12.76
N SER A 109 6.71 39.70 -11.53
CA SER A 109 6.57 38.87 -10.30
C SER A 109 5.18 39.11 -9.69
N PHE A 110 4.58 38.06 -9.12
CA PHE A 110 3.24 38.09 -8.49
C PHE A 110 3.27 37.34 -7.16
N TYR A 111 2.68 37.94 -6.12
CA TYR A 111 2.45 37.30 -4.80
C TYR A 111 1.44 36.18 -4.99
N PRO A 112 1.47 35.10 -4.18
CA PRO A 112 0.50 34.01 -4.30
C PRO A 112 -0.95 34.50 -4.31
N GLU A 113 -1.29 35.45 -3.43
CA GLU A 113 -2.68 35.98 -3.27
C GLU A 113 -3.07 36.78 -4.52
N GLU A 114 -2.11 37.30 -5.29
CA GLU A 114 -2.35 37.97 -6.59
C GLU A 114 -2.76 36.92 -7.63
N VAL A 115 -2.04 35.79 -7.69
CA VAL A 115 -2.35 34.64 -8.60
C VAL A 115 -3.75 34.12 -8.26
N SER A 116 -4.02 33.88 -6.97
CA SER A 116 -5.32 33.37 -6.47
C SER A 116 -6.43 34.38 -6.72
N SER A 117 -6.14 35.70 -6.66
CA SER A 117 -7.11 36.78 -6.96
C SER A 117 -7.60 36.66 -8.41
N MET A 118 -6.71 36.25 -9.33
CA MET A 118 -7.01 36.09 -10.78
C MET A 118 -7.96 34.90 -10.97
N VAL A 119 -7.75 33.81 -10.21
CA VAL A 119 -8.66 32.63 -10.19
C VAL A 119 -10.02 33.06 -9.62
N LEU A 120 -10.02 33.79 -8.51
CA LEU A 120 -11.25 34.28 -7.84
C LEU A 120 -11.99 35.27 -8.75
N THR A 121 -11.25 36.10 -9.51
CA THR A 121 -11.80 37.03 -10.53
C THR A 121 -12.59 36.21 -11.56
N LYS A 122 -12.00 35.10 -12.02
CA LYS A 122 -12.62 34.15 -13.00
C LYS A 122 -13.90 33.56 -12.40
N MET A 123 -13.87 33.11 -11.14
CA MET A 123 -15.03 32.48 -10.44
C MET A 123 -16.14 33.54 -10.27
N LYS A 124 -15.76 34.76 -9.88
CA LYS A 124 -16.66 35.94 -9.82
C LYS A 124 -17.37 36.12 -11.17
N GLU A 125 -16.60 36.16 -12.27
CA GLU A 125 -17.12 36.38 -13.64
C GLU A 125 -18.06 35.22 -14.05
N ILE A 126 -17.73 33.99 -13.65
CA ILE A 126 -18.55 32.77 -13.95
C ILE A 126 -19.94 32.92 -13.31
N ALA A 127 -20.00 33.38 -12.06
CA ALA A 127 -21.25 33.62 -11.31
C ALA A 127 -22.06 34.74 -11.98
N GLU A 128 -21.39 35.83 -12.37
CA GLU A 128 -22.02 37.03 -12.99
C GLU A 128 -22.58 36.68 -14.36
N ALA A 129 -21.86 35.88 -15.15
CA ALA A 129 -22.28 35.38 -16.48
C ALA A 129 -23.60 34.61 -16.34
N TYR A 130 -23.74 33.79 -15.29
CA TYR A 130 -24.93 32.95 -15.04
C TYR A 130 -26.07 33.79 -14.45
N LEU A 131 -25.77 34.61 -13.45
CA LEU A 131 -26.79 35.33 -12.64
C LEU A 131 -27.29 36.59 -13.38
N GLY A 132 -26.48 37.14 -14.30
CA GLY A 132 -26.80 38.37 -15.05
C GLY A 132 -26.80 39.58 -14.15
N LYS A 133 -26.09 39.51 -13.02
CA LYS A 133 -26.06 40.53 -11.94
C LYS A 133 -24.62 40.63 -11.42
N THR A 134 -24.26 41.77 -10.84
CA THR A 134 -22.96 42.00 -10.15
C THR A 134 -22.88 41.07 -8.93
N VAL A 135 -21.77 40.36 -8.78
CA VAL A 135 -21.50 39.47 -7.60
C VAL A 135 -20.36 40.10 -6.81
N THR A 136 -20.60 40.39 -5.52
CA THR A 136 -19.63 41.03 -4.60
C THR A 136 -19.41 40.13 -3.38
N ASN A 137 -20.49 39.76 -2.69
CA ASN A 137 -20.43 39.00 -1.41
C ASN A 137 -20.08 37.52 -1.71
N ALA A 138 -19.16 36.95 -0.94
CA ALA A 138 -18.73 35.54 -1.07
C ALA A 138 -18.25 35.00 0.28
N VAL A 139 -18.50 33.70 0.51
CA VAL A 139 -17.76 32.85 1.48
C VAL A 139 -16.73 32.05 0.68
N VAL A 140 -15.46 32.09 1.10
CA VAL A 140 -14.33 31.34 0.48
C VAL A 140 -13.82 30.33 1.49
N THR A 141 -13.54 29.10 1.06
CA THR A 141 -13.13 27.98 1.94
C THR A 141 -11.61 27.81 1.91
N VAL A 142 -11.05 27.33 3.02
CA VAL A 142 -9.62 26.97 3.20
C VAL A 142 -9.53 25.64 3.94
N PRO A 143 -8.43 24.89 3.83
CA PRO A 143 -8.21 23.70 4.65
C PRO A 143 -8.23 24.06 6.15
N ALA A 144 -8.73 23.14 6.98
CA ALA A 144 -8.85 23.28 8.45
C ALA A 144 -7.53 23.73 9.08
N TYR A 145 -6.41 23.23 8.55
CA TYR A 145 -5.04 23.38 9.12
C TYR A 145 -4.42 24.71 8.68
N PHE A 146 -5.04 25.45 7.76
CA PHE A 146 -4.58 26.80 7.35
C PHE A 146 -4.51 27.69 8.59
N ASN A 147 -3.38 28.39 8.76
CA ASN A 147 -3.13 29.34 9.89
C ASN A 147 -3.70 30.71 9.50
N ASP A 148 -3.55 31.72 10.37
CA ASP A 148 -4.17 33.06 10.17
C ASP A 148 -3.54 33.76 8.95
N SER A 149 -2.23 33.60 8.75
N SER A 149 -2.23 33.61 8.77
CA SER A 149 -1.46 34.17 7.61
CA SER A 149 -1.46 34.15 7.61
C SER A 149 -2.04 33.61 6.30
C SER A 149 -2.04 33.62 6.30
N GLN A 150 -2.30 32.30 6.24
CA GLN A 150 -2.89 31.62 5.06
C GLN A 150 -4.33 32.09 4.84
N ARG A 151 -5.10 32.22 5.93
CA ARG A 151 -6.52 32.69 5.90
C ARG A 151 -6.58 34.15 5.45
N GLN A 152 -5.69 35.00 5.98
CA GLN A 152 -5.64 36.45 5.64
C GLN A 152 -5.28 36.61 4.16
N ALA A 153 -4.29 35.86 3.67
CA ALA A 153 -3.79 35.93 2.28
C ALA A 153 -4.88 35.47 1.31
N THR A 154 -5.65 34.45 1.67
CA THR A 154 -6.82 33.96 0.89
C THR A 154 -7.89 35.05 0.84
N LYS A 155 -8.19 35.67 1.99
CA LYS A 155 -9.18 36.78 2.09
C LYS A 155 -8.72 37.95 1.21
N ASP A 156 -7.43 38.31 1.29
CA ASP A 156 -6.82 39.42 0.51
C ASP A 156 -6.95 39.12 -0.99
N ALA A 157 -6.79 37.85 -1.39
CA ALA A 157 -6.98 37.39 -2.80
C ALA A 157 -8.40 37.74 -3.25
N GLY A 158 -9.40 37.50 -2.39
CA GLY A 158 -10.80 37.86 -2.64
C GLY A 158 -10.97 39.36 -2.81
N THR A 159 -10.41 40.14 -1.88
CA THR A 159 -10.47 41.63 -1.87
C THR A 159 -9.85 42.17 -3.15
N ILE A 160 -8.67 41.65 -3.54
CA ILE A 160 -7.95 42.06 -4.79
C ILE A 160 -8.86 41.78 -6.00
N ALA A 161 -9.67 40.72 -5.94
CA ALA A 161 -10.62 40.30 -7.01
C ALA A 161 -11.91 41.10 -6.96
N GLY A 162 -12.05 42.03 -6.00
CA GLY A 162 -13.25 42.89 -5.86
C GLY A 162 -14.38 42.17 -5.15
N LEU A 163 -14.10 41.00 -4.58
CA LEU A 163 -15.06 40.25 -3.72
C LEU A 163 -15.04 40.84 -2.31
N ASN A 164 -16.22 40.98 -1.68
CA ASN A 164 -16.38 41.22 -0.23
C ASN A 164 -16.47 39.85 0.45
N VAL A 165 -15.37 39.39 1.03
CA VAL A 165 -15.29 38.05 1.69
C VAL A 165 -15.98 38.17 3.06
N LEU A 166 -17.20 37.67 3.17
CA LEU A 166 -18.03 37.71 4.41
C LEU A 166 -17.33 36.90 5.50
N ARG A 167 -16.73 35.77 5.13
CA ARG A 167 -16.06 34.83 6.07
C ARG A 167 -15.19 33.83 5.28
N ILE A 168 -14.02 33.50 5.83
CA ILE A 168 -13.21 32.31 5.43
C ILE A 168 -13.64 31.17 6.35
N ILE A 169 -14.17 30.07 5.79
CA ILE A 169 -14.63 28.89 6.58
C ILE A 169 -13.83 27.66 6.15
N ASN A 170 -13.71 26.68 7.05
CA ASN A 170 -12.95 25.43 6.82
C ASN A 170 -13.68 24.57 5.80
N GLU A 171 -12.94 23.96 4.88
CA GLU A 171 -13.46 23.05 3.83
C GLU A 171 -14.26 21.91 4.48
N PRO A 172 -13.75 21.22 5.51
CA PRO A 172 -14.51 20.16 6.17
C PRO A 172 -15.81 20.64 6.82
N THR A 173 -15.84 21.88 7.33
CA THR A 173 -17.06 22.55 7.86
C THR A 173 -18.07 22.71 6.72
N ALA A 174 -17.64 23.25 5.58
CA ALA A 174 -18.48 23.46 4.37
C ALA A 174 -19.12 22.12 3.95
N ALA A 175 -18.33 21.06 3.91
CA ALA A 175 -18.77 19.69 3.53
C ALA A 175 -19.88 19.23 4.50
N ALA A 176 -19.66 19.39 5.81
CA ALA A 176 -20.61 19.01 6.87
C ALA A 176 -21.89 19.85 6.75
N ILE A 177 -21.76 21.15 6.49
CA ILE A 177 -22.93 22.08 6.31
C ILE A 177 -23.75 21.61 5.09
N ALA A 178 -23.09 21.21 4.00
CA ALA A 178 -23.73 20.76 2.74
C ALA A 178 -24.71 19.61 3.03
N TYR A 179 -24.30 18.67 3.88
CA TYR A 179 -25.08 17.46 4.25
C TYR A 179 -25.95 17.73 5.48
N GLY A 180 -25.95 18.97 5.99
CA GLY A 180 -26.81 19.43 7.10
C GLY A 180 -26.54 18.68 8.39
N LEU A 181 -25.29 18.30 8.64
CA LEU A 181 -24.88 17.42 9.78
C LEU A 181 -24.85 18.22 11.08
N ASP A 182 -24.99 19.54 11.00
CA ASP A 182 -25.05 20.46 12.17
C ASP A 182 -26.50 20.66 12.62
N LYS A 183 -27.48 20.23 11.80
CA LYS A 183 -28.93 20.48 12.02
C LYS A 183 -29.69 19.17 12.21
N LYS A 184 -29.05 18.14 12.76
CA LYS A 184 -29.67 16.83 13.08
C LYS A 184 -30.22 16.86 14.51
N VAL A 185 -31.43 16.34 14.73
CA VAL A 185 -32.07 16.26 16.08
C VAL A 185 -31.26 15.26 16.92
N GLY A 186 -30.47 15.78 17.86
CA GLY A 186 -29.61 15.00 18.77
C GLY A 186 -28.61 15.88 19.49
N ALA A 187 -27.62 15.27 20.14
CA ALA A 187 -26.50 15.95 20.82
C ALA A 187 -25.33 16.09 19.83
N GLU A 188 -24.11 15.71 20.22
CA GLU A 188 -22.90 15.86 19.36
C GLU A 188 -22.93 14.80 18.26
N ARG A 189 -22.31 15.11 17.12
CA ARG A 189 -22.12 14.17 15.98
C ARG A 189 -20.63 14.18 15.60
N ASN A 190 -20.01 13.00 15.61
CA ASN A 190 -18.62 12.79 15.16
C ASN A 190 -18.65 12.54 13.65
N VAL A 191 -17.95 13.37 12.88
CA VAL A 191 -17.97 13.38 11.39
C VAL A 191 -16.53 13.21 10.89
N LEU A 192 -16.29 12.22 10.02
CA LEU A 192 -15.00 12.08 9.30
C LEU A 192 -15.18 12.59 7.87
N ILE A 193 -14.42 13.62 7.50
CA ILE A 193 -14.37 14.17 6.12
C ILE A 193 -13.16 13.55 5.43
N PHE A 194 -13.42 12.76 4.38
CA PHE A 194 -12.41 12.10 3.53
C PHE A 194 -12.34 12.89 2.21
N ASP A 195 -11.34 13.76 2.08
CA ASP A 195 -11.24 14.77 0.99
C ASP A 195 -10.01 14.48 0.13
N LEU A 196 -10.22 13.82 -1.02
CA LEU A 196 -9.15 13.48 -2.00
C LEU A 196 -9.41 14.27 -3.29
N GLY A 197 -8.57 15.28 -3.55
CA GLY A 197 -8.66 16.14 -4.73
C GLY A 197 -7.66 15.73 -5.81
N GLY A 198 -7.18 16.71 -6.57
CA GLY A 198 -6.22 16.50 -7.68
C GLY A 198 -4.78 16.45 -7.20
N GLY A 199 -4.46 17.16 -6.11
CA GLY A 199 -3.08 17.29 -5.60
C GLY A 199 -2.92 16.90 -4.14
N THR A 200 -4.00 16.87 -3.35
CA THR A 200 -3.94 16.78 -1.86
C THR A 200 -4.98 15.79 -1.33
N PHE A 201 -4.64 15.14 -0.22
CA PHE A 201 -5.51 14.21 0.54
C PHE A 201 -5.67 14.75 1.96
N ASP A 202 -6.88 15.16 2.33
CA ASP A 202 -7.22 15.78 3.64
C ASP A 202 -8.25 14.91 4.35
N VAL A 203 -7.85 14.35 5.51
CA VAL A 203 -8.77 13.67 6.46
C VAL A 203 -8.98 14.61 7.65
N SER A 204 -10.23 14.89 7.99
CA SER A 204 -10.65 15.73 9.14
C SER A 204 -11.70 14.97 9.95
N ILE A 205 -11.58 14.98 11.28
CA ILE A 205 -12.66 14.53 12.21
C ILE A 205 -13.18 15.76 12.96
N LEU A 206 -14.45 16.09 12.76
CA LEU A 206 -15.18 17.15 13.51
C LEU A 206 -16.13 16.48 14.50
N THR A 207 -16.29 17.09 15.67
CA THR A 207 -17.43 16.85 16.60
C THR A 207 -18.31 18.09 16.59
N ILE A 208 -19.51 17.99 16.01
CA ILE A 208 -20.46 19.12 15.80
C ILE A 208 -21.50 19.07 16.93
N GLU A 209 -21.63 20.17 17.69
CA GLU A 209 -22.65 20.33 18.75
C GLU A 209 -22.87 21.82 19.02
N ASP A 210 -24.13 22.25 19.11
CA ASP A 210 -24.55 23.65 19.40
C ASP A 210 -23.91 24.60 18.38
N GLY A 211 -23.84 24.18 17.10
CA GLY A 211 -23.28 24.97 15.98
C GLY A 211 -21.79 25.19 16.11
N ILE A 212 -21.08 24.35 16.88
CA ILE A 212 -19.60 24.39 17.06
C ILE A 212 -18.99 23.21 16.28
N PHE A 213 -18.19 23.51 15.27
CA PHE A 213 -17.50 22.51 14.41
C PHE A 213 -16.08 22.30 14.95
N GLU A 214 -15.96 21.56 16.06
CA GLU A 214 -14.68 21.30 16.74
C GLU A 214 -13.84 20.33 15.89
N VAL A 215 -12.64 20.77 15.48
CA VAL A 215 -11.64 19.91 14.76
C VAL A 215 -10.95 19.04 15.82
N LYS A 216 -11.30 17.76 15.87
CA LYS A 216 -10.72 16.77 16.83
C LYS A 216 -9.36 16.30 16.32
N SER A 217 -9.22 16.09 15.00
CA SER A 217 -7.96 15.67 14.35
C SER A 217 -7.97 16.04 12.87
N THR A 218 -6.77 16.25 12.30
CA THR A 218 -6.51 16.29 10.84
C THR A 218 -5.37 15.33 10.53
N ALA A 219 -5.40 14.73 9.34
CA ALA A 219 -4.36 13.80 8.82
C ALA A 219 -4.44 13.80 7.29
N GLY A 220 -3.62 12.96 6.64
CA GLY A 220 -3.63 12.79 5.18
C GLY A 220 -2.23 12.96 4.61
N ASP A 221 -2.16 13.43 3.36
CA ASP A 221 -0.93 13.58 2.56
C ASP A 221 -1.11 14.80 1.65
N THR A 222 -0.31 15.85 1.85
CA THR A 222 -0.41 17.13 1.10
C THR A 222 0.07 16.94 -0.34
N HIS A 223 0.63 15.77 -0.69
CA HIS A 223 1.17 15.49 -2.05
C HIS A 223 0.56 14.21 -2.65
N LEU A 224 -0.55 13.71 -2.11
CA LEU A 224 -1.33 12.59 -2.72
C LEU A 224 -2.63 13.14 -3.30
N GLY A 225 -2.87 12.91 -4.59
CA GLY A 225 -4.09 13.35 -5.28
C GLY A 225 -4.32 12.61 -6.59
N GLY A 226 -5.39 12.98 -7.31
CA GLY A 226 -5.81 12.38 -8.58
C GLY A 226 -4.69 12.40 -9.62
N GLU A 227 -3.83 13.42 -9.60
CA GLU A 227 -2.72 13.60 -10.58
C GLU A 227 -1.71 12.46 -10.45
N ASP A 228 -1.55 11.89 -9.25
CA ASP A 228 -0.67 10.72 -9.01
C ASP A 228 -1.21 9.50 -9.74
N PHE A 229 -2.54 9.33 -9.74
CA PHE A 229 -3.24 8.22 -10.46
C PHE A 229 -3.05 8.43 -11.96
N ASP A 230 -3.15 9.67 -12.43
CA ASP A 230 -2.90 10.07 -13.85
C ASP A 230 -1.45 9.73 -14.23
N ASN A 231 -0.49 10.07 -13.36
N ASN A 231 -0.48 10.02 -13.36
CA ASN A 231 0.97 9.82 -13.54
CA ASN A 231 0.97 9.81 -13.64
C ASN A 231 1.21 8.33 -13.80
C ASN A 231 1.26 8.31 -13.79
N ARG A 232 0.61 7.46 -12.99
CA ARG A 232 0.75 5.98 -13.07
C ARG A 232 0.20 5.49 -14.43
N MET A 233 -0.88 6.12 -14.91
CA MET A 233 -1.50 5.80 -16.22
C MET A 233 -0.55 6.23 -17.35
N VAL A 234 0.05 7.42 -17.24
CA VAL A 234 0.95 8.00 -18.29
C VAL A 234 2.18 7.10 -18.45
N ASN A 235 2.82 6.71 -17.34
CA ASN A 235 4.02 5.84 -17.35
C ASN A 235 3.66 4.50 -18.00
N HIS A 236 2.48 3.97 -17.66
CA HIS A 236 1.90 2.73 -18.25
C HIS A 236 1.88 2.83 -19.78
N PHE A 237 1.32 3.92 -20.33
CA PHE A 237 1.11 4.11 -21.79
C PHE A 237 2.40 4.55 -22.49
N ILE A 238 3.31 5.22 -21.80
CA ILE A 238 4.65 5.60 -22.37
C ILE A 238 5.43 4.31 -22.63
N ALA A 239 5.45 3.39 -21.66
CA ALA A 239 6.08 2.05 -21.78
C ALA A 239 5.43 1.28 -22.93
N GLU A 240 4.10 1.32 -23.04
CA GLU A 240 3.33 0.64 -24.11
C GLU A 240 3.73 1.19 -25.49
N PHE A 241 3.75 2.52 -25.65
CA PHE A 241 4.11 3.21 -26.91
C PHE A 241 5.56 2.86 -27.28
N LYS A 242 6.44 2.75 -26.27
CA LYS A 242 7.87 2.39 -26.43
C LYS A 242 7.98 0.98 -27.02
N ARG A 243 7.24 0.02 -26.46
CA ARG A 243 7.23 -1.40 -26.91
C ARG A 243 6.74 -1.49 -28.36
N LYS A 244 5.65 -0.78 -28.70
CA LYS A 244 4.95 -0.94 -30.00
C LYS A 244 5.72 -0.22 -31.12
N HIS A 245 6.19 1.00 -30.88
CA HIS A 245 6.73 1.91 -31.92
C HIS A 245 8.24 2.15 -31.76
N LYS A 246 8.87 1.62 -30.71
CA LYS A 246 10.31 1.83 -30.40
C LYS A 246 10.61 3.33 -30.35
N LYS A 247 9.70 4.09 -29.73
CA LYS A 247 9.76 5.56 -29.55
C LYS A 247 9.56 5.87 -28.05
N ASP A 248 10.48 6.63 -27.45
CA ASP A 248 10.33 7.22 -26.09
C ASP A 248 9.82 8.65 -26.24
N ILE A 249 8.57 8.90 -25.84
CA ILE A 249 7.86 10.20 -26.03
C ILE A 249 8.10 11.11 -24.81
N SER A 250 8.83 10.62 -23.80
CA SER A 250 8.98 11.22 -22.44
C SER A 250 9.40 12.69 -22.51
N GLU A 251 10.28 13.06 -23.45
CA GLU A 251 10.91 14.41 -23.52
C GLU A 251 10.19 15.28 -24.54
N ASN A 252 9.12 14.78 -25.17
CA ASN A 252 8.18 15.59 -25.99
C ASN A 252 7.05 16.08 -25.07
N LYS A 253 7.19 17.29 -24.55
CA LYS A 253 6.26 17.94 -23.58
C LYS A 253 4.81 17.86 -24.09
N ARG A 254 4.62 18.19 -25.37
N ARG A 254 4.60 18.17 -25.37
CA ARG A 254 3.29 18.22 -26.06
CA ARG A 254 3.25 18.21 -26.00
C ARG A 254 2.67 16.82 -26.05
C ARG A 254 2.65 16.81 -26.04
N ALA A 255 3.44 15.80 -26.47
CA ALA A 255 3.00 14.39 -26.57
C ALA A 255 2.56 13.87 -25.19
N VAL A 256 3.42 14.05 -24.17
CA VAL A 256 3.17 13.60 -22.77
C VAL A 256 1.91 14.28 -22.24
N ARG A 257 1.78 15.59 -22.47
CA ARG A 257 0.63 16.42 -22.02
C ARG A 257 -0.68 15.83 -22.55
N ARG A 258 -0.76 15.65 -23.87
CA ARG A 258 -1.96 15.13 -24.57
C ARG A 258 -2.28 13.71 -24.08
N LEU A 259 -1.25 12.89 -23.83
CA LEU A 259 -1.42 11.54 -23.22
C LEU A 259 -1.99 11.71 -21.80
N ARG A 260 -1.42 12.64 -21.02
CA ARG A 260 -1.87 12.95 -19.63
C ARG A 260 -3.35 13.35 -19.64
N THR A 261 -3.74 14.26 -20.54
CA THR A 261 -5.14 14.74 -20.68
C THR A 261 -6.05 13.56 -20.94
N ALA A 262 -5.71 12.71 -21.92
CA ALA A 262 -6.46 11.49 -22.31
C ALA A 262 -6.57 10.55 -21.11
N CYS A 263 -5.50 10.43 -20.31
CA CYS A 263 -5.41 9.54 -19.12
C CYS A 263 -6.38 10.02 -18.02
N GLU A 264 -6.44 11.33 -17.78
CA GLU A 264 -7.36 11.94 -16.78
C GLU A 264 -8.81 11.68 -17.22
N ARG A 265 -9.11 11.91 -18.49
CA ARG A 265 -10.46 11.67 -19.09
C ARG A 265 -10.84 10.19 -18.90
N ALA A 266 -9.96 9.26 -19.30
CA ALA A 266 -10.15 7.80 -19.15
C ALA A 266 -10.44 7.46 -17.68
N LYS A 267 -9.65 7.99 -16.75
CA LYS A 267 -9.82 7.80 -15.28
C LYS A 267 -11.26 8.18 -14.89
N ARG A 268 -11.69 9.40 -15.25
CA ARG A 268 -13.05 9.91 -14.91
C ARG A 268 -14.11 8.93 -15.43
N THR A 269 -13.97 8.46 -16.67
CA THR A 269 -14.88 7.51 -17.35
C THR A 269 -14.91 6.18 -16.59
N LEU A 270 -13.77 5.75 -16.02
CA LEU A 270 -13.64 4.45 -15.30
C LEU A 270 -14.37 4.48 -13.96
N SER A 271 -14.86 5.65 -13.51
CA SER A 271 -15.67 5.79 -12.28
C SER A 271 -17.14 5.41 -12.53
N SER A 272 -17.57 5.41 -13.80
N SER A 272 -17.57 5.39 -13.80
CA SER A 272 -18.94 5.09 -14.26
CA SER A 272 -18.96 5.06 -14.22
C SER A 272 -18.97 3.85 -15.15
C SER A 272 -19.01 3.95 -15.28
N SER A 273 -17.85 3.49 -15.77
CA SER A 273 -17.73 2.37 -16.75
C SER A 273 -16.60 1.43 -16.32
N THR A 274 -16.65 0.16 -16.74
CA THR A 274 -15.60 -0.86 -16.45
C THR A 274 -14.48 -0.80 -17.51
N GLN A 275 -14.60 0.09 -18.51
CA GLN A 275 -13.57 0.27 -19.58
C GLN A 275 -13.66 1.69 -20.13
N ALA A 276 -12.56 2.16 -20.75
CA ALA A 276 -12.42 3.52 -21.31
C ALA A 276 -11.45 3.49 -22.50
N SER A 277 -11.77 4.22 -23.56
CA SER A 277 -10.97 4.33 -24.80
C SER A 277 -10.01 5.52 -24.71
N ILE A 278 -8.75 5.30 -25.08
CA ILE A 278 -7.73 6.36 -25.32
C ILE A 278 -7.69 6.61 -26.83
N GLU A 279 -8.00 7.85 -27.26
CA GLU A 279 -8.10 8.24 -28.69
C GLU A 279 -7.30 9.53 -28.90
N ILE A 280 -6.07 9.39 -29.40
CA ILE A 280 -5.15 10.53 -29.68
C ILE A 280 -4.65 10.43 -31.13
N ASP A 281 -5.08 11.36 -31.98
CA ASP A 281 -4.57 11.51 -33.36
C ASP A 281 -3.18 12.13 -33.30
N SER A 282 -2.21 11.54 -34.03
CA SER A 282 -0.84 12.07 -34.20
C SER A 282 -0.25 12.43 -32.82
N LEU A 283 -0.21 11.46 -31.91
CA LEU A 283 0.39 11.63 -30.55
C LEU A 283 1.86 12.06 -30.70
N TYR A 284 2.59 11.38 -31.59
CA TYR A 284 4.07 11.50 -31.75
C TYR A 284 4.45 11.13 -33.19
N GLU A 285 5.04 12.08 -33.93
CA GLU A 285 5.53 11.90 -35.33
C GLU A 285 4.39 11.40 -36.24
N GLY A 286 3.18 11.91 -36.05
CA GLY A 286 2.00 11.56 -36.88
C GLY A 286 1.48 10.15 -36.59
N ILE A 287 2.02 9.46 -35.58
CA ILE A 287 1.55 8.11 -35.16
C ILE A 287 0.34 8.30 -34.25
N ASP A 288 -0.80 7.73 -34.63
CA ASP A 288 -2.05 7.70 -33.81
C ASP A 288 -1.82 6.76 -32.62
N PHE A 289 -2.41 7.08 -31.47
CA PHE A 289 -2.45 6.20 -30.28
C PHE A 289 -3.91 5.96 -29.90
N TYR A 290 -4.47 4.85 -30.39
CA TYR A 290 -5.84 4.36 -30.10
C TYR A 290 -5.72 3.03 -29.35
N THR A 291 -6.06 3.04 -28.07
CA THR A 291 -6.06 1.84 -27.20
C THR A 291 -7.20 1.98 -26.19
N SER A 292 -7.23 1.10 -25.19
CA SER A 292 -8.24 1.12 -24.10
C SER A 292 -7.55 0.76 -22.78
N ILE A 293 -8.27 0.92 -21.67
CA ILE A 293 -7.85 0.47 -20.32
C ILE A 293 -9.10 0.06 -19.55
N THR A 294 -9.05 -1.11 -18.91
CA THR A 294 -10.13 -1.64 -18.03
C THR A 294 -10.01 -0.94 -16.67
N ARG A 295 -11.10 -0.92 -15.90
CA ARG A 295 -11.13 -0.42 -14.50
C ARG A 295 -10.14 -1.25 -13.68
N ALA A 296 -10.11 -2.56 -13.88
CA ALA A 296 -9.22 -3.53 -13.18
C ALA A 296 -7.76 -3.08 -13.32
N ARG A 297 -7.33 -2.75 -14.54
CA ARG A 297 -5.93 -2.32 -14.82
C ARG A 297 -5.64 -1.00 -14.10
N PHE A 298 -6.55 -0.03 -14.22
CA PHE A 298 -6.45 1.30 -13.54
C PHE A 298 -6.24 1.09 -12.04
N GLU A 299 -7.07 0.24 -11.43
CA GLU A 299 -7.02 -0.12 -9.98
C GLU A 299 -5.68 -0.78 -9.66
N GLU A 300 -5.22 -1.70 -10.52
CA GLU A 300 -3.93 -2.43 -10.34
C GLU A 300 -2.76 -1.45 -10.36
N LEU A 301 -2.75 -0.51 -11.31
CA LEU A 301 -1.68 0.52 -11.45
C LEU A 301 -1.57 1.37 -10.18
N ASN A 302 -2.67 1.51 -9.42
CA ASN A 302 -2.81 2.48 -8.31
C ASN A 302 -3.12 1.77 -6.99
N ALA A 303 -2.98 0.45 -6.93
CA ALA A 303 -3.43 -0.41 -5.80
C ALA A 303 -2.85 0.11 -4.48
N ASP A 304 -1.54 0.40 -4.45
CA ASP A 304 -0.80 0.82 -3.22
C ASP A 304 -1.26 2.22 -2.78
N LEU A 305 -1.48 3.13 -3.72
CA LEU A 305 -1.90 4.53 -3.41
C LEU A 305 -3.32 4.54 -2.83
N PHE A 306 -4.22 3.72 -3.38
CA PHE A 306 -5.65 3.63 -2.98
C PHE A 306 -5.77 3.16 -1.52
N ARG A 307 -5.24 1.98 -1.19
CA ARG A 307 -5.40 1.38 0.17
C ARG A 307 -4.58 2.19 1.18
N GLY A 308 -3.52 2.87 0.74
CA GLY A 308 -2.66 3.73 1.58
C GLY A 308 -3.38 4.94 2.14
N THR A 309 -4.55 5.31 1.59
CA THR A 309 -5.40 6.44 2.07
C THR A 309 -6.05 6.08 3.41
N LEU A 310 -6.08 4.80 3.78
CA LEU A 310 -6.73 4.32 5.03
C LEU A 310 -5.82 4.55 6.25
N ASP A 311 -4.49 4.60 6.07
CA ASP A 311 -3.51 4.82 7.18
C ASP A 311 -3.77 6.19 7.80
N PRO A 312 -3.85 7.29 7.02
CA PRO A 312 -4.30 8.58 7.57
C PRO A 312 -5.65 8.58 8.30
N VAL A 313 -6.62 7.74 7.87
CA VAL A 313 -7.95 7.62 8.52
C VAL A 313 -7.76 7.04 9.92
N GLU A 314 -6.93 5.99 10.04
CA GLU A 314 -6.57 5.34 11.33
C GLU A 314 -5.90 6.36 12.26
N LYS A 315 -4.92 7.11 11.74
CA LYS A 315 -4.17 8.17 12.48
C LYS A 315 -5.15 9.21 13.03
N ALA A 316 -6.06 9.71 12.19
CA ALA A 316 -7.07 10.73 12.55
C ALA A 316 -7.95 10.20 13.69
N LEU A 317 -8.38 8.93 13.60
CA LEU A 317 -9.25 8.27 14.61
C LEU A 317 -8.50 8.18 15.95
N ARG A 318 -7.25 7.71 15.92
CA ARG A 318 -6.37 7.59 17.11
C ARG A 318 -6.21 8.96 17.78
N ASP A 319 -5.83 9.99 17.00
CA ASP A 319 -5.56 11.35 17.50
C ASP A 319 -6.84 12.00 18.03
N ALA A 320 -8.00 11.63 17.47
CA ALA A 320 -9.34 12.11 17.91
C ALA A 320 -9.84 11.30 19.12
N LYS A 321 -9.19 10.17 19.42
CA LYS A 321 -9.55 9.24 20.52
C LYS A 321 -10.96 8.69 20.29
N LEU A 322 -11.26 8.28 19.05
CA LEU A 322 -12.57 7.70 18.66
C LEU A 322 -12.33 6.34 18.00
N ASP A 323 -13.16 5.35 18.31
N ASP A 323 -13.17 5.35 18.31
CA ASP A 323 -13.29 4.08 17.55
CA ASP A 323 -13.30 4.08 17.56
C ASP A 323 -14.09 4.38 16.28
C ASP A 323 -14.09 4.38 16.28
N LYS A 324 -13.93 3.55 15.24
CA LYS A 324 -14.64 3.74 13.94
C LYS A 324 -16.16 3.64 14.17
N SER A 325 -16.60 2.90 15.18
CA SER A 325 -18.04 2.73 15.54
C SER A 325 -18.63 4.02 16.13
N GLN A 326 -17.79 4.96 16.56
CA GLN A 326 -18.22 6.24 17.21
C GLN A 326 -18.38 7.36 16.18
N ILE A 327 -18.01 7.12 14.91
CA ILE A 327 -18.23 8.07 13.79
C ILE A 327 -19.70 7.97 13.37
N HIS A 328 -20.45 9.06 13.50
CA HIS A 328 -21.89 9.19 13.13
C HIS A 328 -22.02 9.27 11.60
N ASP A 329 -21.16 10.07 10.95
CA ASP A 329 -21.27 10.41 9.51
C ASP A 329 -19.89 10.31 8.86
N ILE A 330 -19.83 9.69 7.69
CA ILE A 330 -18.64 9.69 6.79
C ILE A 330 -19.00 10.47 5.53
N VAL A 331 -18.16 11.43 5.13
CA VAL A 331 -18.42 12.34 3.99
C VAL A 331 -17.29 12.20 2.98
N LEU A 332 -17.63 11.81 1.74
CA LEU A 332 -16.72 11.79 0.57
C LEU A 332 -16.79 13.15 -0.13
N VAL A 333 -15.66 13.84 -0.22
CA VAL A 333 -15.52 15.11 -0.99
C VAL A 333 -14.20 15.08 -1.76
N GLY A 334 -14.03 15.99 -2.72
CA GLY A 334 -12.92 15.96 -3.68
C GLY A 334 -13.22 15.02 -4.84
N GLY A 335 -12.81 15.40 -6.05
CA GLY A 335 -13.15 14.70 -7.30
C GLY A 335 -12.74 13.24 -7.29
N SER A 336 -11.63 12.90 -6.61
CA SER A 336 -11.01 11.55 -6.63
C SER A 336 -11.87 10.53 -5.85
N THR A 337 -12.77 10.98 -4.96
CA THR A 337 -13.62 10.08 -4.13
C THR A 337 -14.76 9.49 -4.97
N ARG A 338 -14.87 9.89 -6.24
CA ARG A 338 -15.79 9.26 -7.23
C ARG A 338 -15.27 7.88 -7.62
N ILE A 339 -13.97 7.61 -7.48
CA ILE A 339 -13.33 6.30 -7.84
C ILE A 339 -13.99 5.20 -7.01
N PRO A 340 -14.73 4.26 -7.64
CA PRO A 340 -15.41 3.18 -6.92
C PRO A 340 -14.53 2.38 -5.94
N LYS A 341 -13.27 2.11 -6.28
CA LYS A 341 -12.34 1.30 -5.43
C LYS A 341 -12.04 2.04 -4.12
N ILE A 342 -11.83 3.36 -4.20
CA ILE A 342 -11.64 4.25 -3.00
C ILE A 342 -12.89 4.16 -2.14
N GLN A 343 -14.08 4.29 -2.74
CA GLN A 343 -15.39 4.23 -2.03
C GLN A 343 -15.52 2.90 -1.31
N LYS A 344 -15.21 1.80 -2.01
CA LYS A 344 -15.27 0.40 -1.50
C LYS A 344 -14.32 0.27 -0.29
N LEU A 345 -13.06 0.69 -0.45
CA LEU A 345 -12.00 0.58 0.60
C LEU A 345 -12.47 1.28 1.88
N LEU A 346 -13.02 2.50 1.78
CA LEU A 346 -13.44 3.30 2.96
C LEU A 346 -14.68 2.67 3.59
N GLN A 347 -15.66 2.24 2.79
CA GLN A 347 -16.91 1.59 3.31
C GLN A 347 -16.55 0.28 4.01
N ASP A 348 -15.63 -0.52 3.42
CA ASP A 348 -15.14 -1.79 4.00
C ASP A 348 -14.40 -1.50 5.32
N PHE A 349 -13.54 -0.47 5.34
CA PHE A 349 -12.79 0.00 6.53
C PHE A 349 -13.78 0.34 7.66
N PHE A 350 -14.95 0.89 7.32
CA PHE A 350 -16.03 1.25 8.29
C PHE A 350 -17.07 0.14 8.36
N ASN A 351 -16.67 -1.08 8.01
CA ASN A 351 -17.41 -2.35 8.24
C ASN A 351 -18.84 -2.21 7.71
N GLY A 352 -19.00 -1.65 6.50
CA GLY A 352 -20.25 -1.65 5.73
C GLY A 352 -21.03 -0.34 5.84
N LYS A 353 -20.63 0.57 6.73
CA LYS A 353 -21.38 1.83 7.02
C LYS A 353 -21.54 2.64 5.72
N GLU A 354 -22.76 3.11 5.45
CA GLU A 354 -23.11 3.90 4.24
C GLU A 354 -22.39 5.25 4.28
N LEU A 355 -21.89 5.71 3.12
CA LEU A 355 -21.12 6.96 2.96
C LEU A 355 -22.06 8.06 2.44
N ASN A 356 -21.93 9.28 2.96
CA ASN A 356 -22.57 10.51 2.39
C ASN A 356 -21.79 10.89 1.13
N LYS A 357 -22.38 10.65 -0.05
CA LYS A 357 -21.73 10.86 -1.36
C LYS A 357 -22.74 11.30 -2.43
N SER A 358 -24.00 11.60 -2.05
CA SER A 358 -25.08 12.00 -2.98
C SER A 358 -24.75 13.34 -3.65
N ILE A 359 -24.11 14.26 -2.93
CA ILE A 359 -23.62 15.55 -3.51
C ILE A 359 -22.35 15.26 -4.29
N ASN A 360 -22.29 15.66 -5.55
CA ASN A 360 -21.08 15.60 -6.42
C ASN A 360 -19.87 15.96 -5.57
N PRO A 361 -18.97 14.99 -5.25
CA PRO A 361 -17.90 15.20 -4.28
C PRO A 361 -17.00 16.43 -4.55
N ASP A 362 -16.81 16.81 -5.82
CA ASP A 362 -15.95 17.95 -6.21
C ASP A 362 -16.75 19.26 -6.16
N GLU A 363 -18.00 19.22 -5.69
CA GLU A 363 -18.93 20.38 -5.61
C GLU A 363 -19.40 20.61 -4.17
N ALA A 364 -19.19 19.64 -3.27
CA ALA A 364 -19.74 19.62 -1.89
C ALA A 364 -19.25 20.82 -1.07
N VAL A 365 -17.98 21.20 -1.22
CA VAL A 365 -17.36 22.32 -0.43
C VAL A 365 -17.99 23.65 -0.89
N ALA A 366 -18.08 23.87 -2.21
CA ALA A 366 -18.74 25.05 -2.82
C ALA A 366 -20.21 25.07 -2.41
N TYR A 367 -20.85 23.89 -2.38
CA TYR A 367 -22.26 23.71 -1.95
C TYR A 367 -22.42 24.27 -0.53
N GLY A 368 -21.60 23.80 0.41
CA GLY A 368 -21.60 24.25 1.82
C GLY A 368 -21.31 25.73 1.95
N ALA A 369 -20.29 26.21 1.23
CA ALA A 369 -19.87 27.63 1.17
C ALA A 369 -21.04 28.51 0.73
N ALA A 370 -21.82 28.07 -0.26
CA ALA A 370 -22.97 28.80 -0.84
C ALA A 370 -24.11 28.87 0.19
N VAL A 371 -24.39 27.76 0.88
CA VAL A 371 -25.38 27.69 2.00
C VAL A 371 -24.98 28.71 3.07
N GLN A 372 -23.70 28.71 3.47
CA GLN A 372 -23.18 29.61 4.53
C GLN A 372 -23.31 31.07 4.08
N ALA A 373 -23.02 31.35 2.80
CA ALA A 373 -23.07 32.70 2.20
C ALA A 373 -24.49 33.25 2.28
N ALA A 374 -25.48 32.43 1.95
CA ALA A 374 -26.93 32.78 1.99
C ALA A 374 -27.33 33.11 3.44
N ILE A 375 -26.88 32.30 4.40
CA ILE A 375 -27.15 32.47 5.86
C ILE A 375 -26.58 33.81 6.32
N LEU A 376 -25.33 34.13 5.97
CA LEU A 376 -24.63 35.37 6.43
C LEU A 376 -25.28 36.60 5.79
N SER A 377 -25.70 36.52 4.52
CA SER A 377 -26.34 37.62 3.76
C SER A 377 -27.79 37.80 4.21
N GLY A 378 -28.41 36.77 4.79
CA GLY A 378 -29.80 36.78 5.29
C GLY A 378 -30.79 36.36 4.21
N ASP A 379 -30.35 35.54 3.24
CA ASP A 379 -31.17 35.00 2.13
C ASP A 379 -31.50 33.52 2.41
N LYS A 380 -31.27 33.06 3.64
CA LYS A 380 -31.63 31.70 4.12
C LYS A 380 -31.81 31.74 5.64
N PRO B 1 7.43 -44.41 16.24
CA PRO B 1 7.13 -42.99 16.48
C PRO B 1 7.13 -42.14 15.19
N ALA B 2 5.96 -41.65 14.80
CA ALA B 2 5.71 -40.89 13.55
C ALA B 2 5.75 -39.39 13.84
N VAL B 3 6.45 -38.62 13.02
CA VAL B 3 6.69 -37.15 13.22
C VAL B 3 5.94 -36.36 12.15
N GLY B 4 5.68 -35.09 12.43
CA GLY B 4 5.16 -34.11 11.45
C GLY B 4 6.26 -33.15 11.04
N ILE B 5 6.48 -32.97 9.74
CA ILE B 5 7.57 -32.10 9.20
C ILE B 5 6.94 -31.03 8.29
N ASP B 6 7.02 -29.77 8.72
CA ASP B 6 6.80 -28.56 7.89
C ASP B 6 8.11 -28.31 7.12
N LEU B 7 8.15 -28.63 5.83
CA LEU B 7 9.30 -28.38 4.94
C LEU B 7 9.09 -27.01 4.26
N GLY B 8 9.42 -25.93 4.96
CA GLY B 8 9.11 -24.55 4.54
C GLY B 8 10.13 -24.03 3.53
N THR B 9 9.80 -22.91 2.90
CA THR B 9 10.61 -22.25 1.84
C THR B 9 11.96 -21.81 2.41
N THR B 10 11.98 -21.28 3.64
CA THR B 10 13.17 -20.67 4.27
C THR B 10 13.51 -21.38 5.59
N TYR B 11 12.52 -21.89 6.32
CA TYR B 11 12.71 -22.68 7.57
C TYR B 11 11.94 -24.00 7.49
N SER B 12 12.39 -24.99 8.26
CA SER B 12 11.71 -26.29 8.47
C SER B 12 11.53 -26.52 9.97
N CYS B 13 10.53 -27.32 10.33
CA CYS B 13 10.04 -27.52 11.72
C CYS B 13 9.51 -28.95 11.84
N VAL B 14 9.92 -29.68 12.89
CA VAL B 14 9.53 -31.09 13.12
C VAL B 14 8.84 -31.20 14.49
N GLY B 15 7.66 -31.82 14.51
CA GLY B 15 6.85 -32.07 15.72
C GLY B 15 6.58 -33.56 15.90
N VAL B 16 6.35 -33.98 17.14
CA VAL B 16 5.90 -35.36 17.49
C VAL B 16 4.75 -35.25 18.49
N PHE B 17 3.66 -35.97 18.25
CA PHE B 17 2.51 -36.11 19.19
C PHE B 17 2.80 -37.28 20.13
N GLN B 18 2.86 -36.99 21.44
CA GLN B 18 3.15 -37.99 22.51
C GLN B 18 2.35 -37.65 23.76
N HIS B 19 1.58 -38.61 24.26
CA HIS B 19 0.85 -38.56 25.55
C HIS B 19 -0.06 -37.33 25.58
N GLY B 20 -0.87 -37.16 24.53
CA GLY B 20 -1.99 -36.20 24.47
C GLY B 20 -1.56 -34.77 24.19
N LYS B 21 -0.32 -34.55 23.73
CA LYS B 21 0.18 -33.19 23.38
C LYS B 21 1.27 -33.28 22.31
N VAL B 22 1.44 -32.20 21.55
CA VAL B 22 2.49 -32.06 20.50
C VAL B 22 3.73 -31.44 21.14
N GLU B 23 4.90 -32.07 20.94
CA GLU B 23 6.22 -31.49 21.24
C GLU B 23 6.85 -31.04 19.91
N ILE B 24 7.03 -29.74 19.73
CA ILE B 24 7.86 -29.16 18.63
C ILE B 24 9.33 -29.28 19.06
N ILE B 25 10.14 -29.97 18.27
CA ILE B 25 11.48 -30.48 18.69
C ILE B 25 12.55 -29.43 18.36
N ALA B 26 13.31 -29.01 19.37
CA ALA B 26 14.48 -28.12 19.23
C ALA B 26 15.65 -28.92 18.63
N ASN B 27 16.42 -28.30 17.73
CA ASN B 27 17.69 -28.84 17.20
C ASN B 27 18.76 -28.76 18.30
N ASP B 28 19.99 -29.19 18.02
CA ASP B 28 21.10 -29.25 19.01
C ASP B 28 21.53 -27.83 19.43
N GLN B 29 21.03 -26.79 18.74
CA GLN B 29 21.27 -25.36 19.08
C GLN B 29 20.11 -24.80 19.91
N GLY B 30 19.10 -25.63 20.23
CA GLY B 30 17.93 -25.24 21.03
C GLY B 30 16.91 -24.44 20.23
N ASN B 31 16.95 -24.52 18.90
CA ASN B 31 16.05 -23.78 17.98
C ASN B 31 14.95 -24.72 17.47
N ARG B 32 13.69 -24.29 17.53
CA ARG B 32 12.49 -25.09 17.16
C ARG B 32 12.20 -24.97 15.66
N THR B 33 12.94 -24.10 14.94
CA THR B 33 12.95 -24.00 13.46
C THR B 33 14.40 -24.11 12.97
N THR B 34 14.60 -24.68 11.78
CA THR B 34 15.93 -24.89 11.15
C THR B 34 15.90 -24.33 9.73
N PRO B 35 16.83 -23.42 9.36
CA PRO B 35 16.87 -22.89 7.99
C PRO B 35 16.89 -24.00 6.93
N SER B 36 16.06 -23.86 5.89
CA SER B 36 16.01 -24.77 4.73
C SER B 36 17.18 -24.43 3.79
N TYR B 37 18.41 -24.51 4.32
CA TYR B 37 19.68 -24.14 3.67
C TYR B 37 20.62 -25.36 3.63
N VAL B 38 21.30 -25.56 2.51
CA VAL B 38 22.40 -26.56 2.34
C VAL B 38 23.60 -25.85 1.73
N ALA B 39 24.79 -26.07 2.28
CA ALA B 39 26.07 -25.47 1.82
C ALA B 39 27.10 -26.57 1.58
N PHE B 40 27.93 -26.38 0.54
CA PHE B 40 29.03 -27.30 0.13
C PHE B 40 30.34 -26.51 0.17
N THR B 41 31.36 -27.05 0.86
CA THR B 41 32.70 -26.44 1.05
C THR B 41 33.76 -27.41 0.54
N ASP B 42 35.04 -27.10 0.78
CA ASP B 42 36.21 -27.95 0.40
C ASP B 42 36.21 -29.26 1.19
N THR B 43 35.58 -29.29 2.37
CA THR B 43 35.72 -30.38 3.37
C THR B 43 34.39 -31.09 3.66
N GLU B 44 33.28 -30.36 3.82
CA GLU B 44 32.02 -30.93 4.39
C GLU B 44 30.78 -30.31 3.74
N ARG B 45 29.63 -30.95 3.98
CA ARG B 45 28.28 -30.49 3.58
C ARG B 45 27.56 -29.97 4.82
N LEU B 46 27.21 -28.68 4.85
CA LEU B 46 26.50 -28.01 5.97
C LEU B 46 25.01 -27.97 5.68
N ILE B 47 24.18 -28.20 6.70
CA ILE B 47 22.68 -28.15 6.62
C ILE B 47 22.17 -27.33 7.82
N GLY B 48 21.23 -26.42 7.58
CA GLY B 48 20.56 -25.61 8.61
C GLY B 48 21.32 -24.32 8.90
N ASP B 49 21.40 -23.94 10.19
CA ASP B 49 22.02 -22.69 10.67
C ASP B 49 23.47 -22.60 10.18
N ALA B 50 24.21 -23.72 10.22
CA ALA B 50 25.64 -23.82 9.81
C ALA B 50 25.79 -23.35 8.36
N ALA B 51 24.88 -23.76 7.47
CA ALA B 51 24.85 -23.38 6.04
C ALA B 51 24.50 -21.89 5.90
N LYS B 52 23.44 -21.43 6.57
CA LYS B 52 22.92 -20.05 6.44
C LYS B 52 23.95 -19.03 6.95
N ASN B 53 24.72 -19.40 7.99
CA ASN B 53 25.63 -18.47 8.72
C ASN B 53 26.91 -18.20 7.91
N GLN B 54 27.22 -19.02 6.90
CA GLN B 54 28.43 -18.87 6.06
C GLN B 54 28.05 -18.49 4.62
N VAL B 55 26.81 -18.03 4.40
CA VAL B 55 26.25 -17.72 3.06
C VAL B 55 27.08 -16.62 2.38
N ALA B 56 27.42 -15.55 3.10
CA ALA B 56 28.14 -14.37 2.56
C ALA B 56 29.58 -14.76 2.18
N MET B 57 30.15 -15.77 2.86
CA MET B 57 31.54 -16.25 2.64
C MET B 57 31.59 -17.24 1.47
N ASN B 58 30.47 -17.89 1.14
CA ASN B 58 30.41 -19.03 0.19
C ASN B 58 29.09 -18.99 -0.58
N PRO B 59 28.71 -17.83 -1.18
CA PRO B 59 27.35 -17.64 -1.70
C PRO B 59 26.97 -18.55 -2.89
N THR B 60 27.92 -18.87 -3.78
CA THR B 60 27.66 -19.63 -5.03
C THR B 60 27.52 -21.13 -4.73
N ASN B 61 27.88 -21.58 -3.52
CA ASN B 61 27.80 -23.01 -3.10
C ASN B 61 26.83 -23.19 -1.91
N THR B 62 26.10 -22.15 -1.52
CA THR B 62 25.07 -22.20 -0.45
C THR B 62 23.69 -22.18 -1.13
N VAL B 63 22.97 -23.31 -1.08
CA VAL B 63 21.68 -23.53 -1.78
C VAL B 63 20.53 -23.25 -0.80
N PHE B 64 19.51 -22.57 -1.29
CA PHE B 64 18.21 -22.29 -0.59
C PHE B 64 17.11 -22.22 -1.65
N ASP B 65 15.86 -22.06 -1.22
CA ASP B 65 14.67 -21.91 -2.11
C ASP B 65 14.49 -23.15 -2.98
N ALA B 66 15.02 -24.30 -2.58
CA ALA B 66 14.84 -25.60 -3.28
C ALA B 66 13.35 -25.86 -3.49
N LYS B 67 12.49 -25.39 -2.57
CA LYS B 67 11.01 -25.53 -2.63
C LYS B 67 10.44 -24.83 -3.88
N ARG B 68 11.10 -23.77 -4.35
CA ARG B 68 10.67 -23.01 -5.56
C ARG B 68 10.94 -23.84 -6.82
N LEU B 69 11.89 -24.79 -6.76
CA LEU B 69 12.31 -25.63 -7.92
C LEU B 69 11.61 -26.98 -7.90
N ILE B 70 11.30 -27.52 -6.72
CA ILE B 70 10.90 -28.95 -6.53
C ILE B 70 9.67 -29.25 -7.41
N GLY B 71 9.76 -30.33 -8.20
CA GLY B 71 8.66 -30.85 -9.05
C GLY B 71 8.42 -30.01 -10.29
N ARG B 72 9.35 -29.11 -10.67
CA ARG B 72 9.22 -28.22 -11.85
C ARG B 72 10.23 -28.65 -12.91
N ARG B 73 9.97 -28.26 -14.17
CA ARG B 73 10.90 -28.44 -15.32
C ARG B 73 11.76 -27.18 -15.47
N PHE B 74 12.95 -27.32 -16.06
CA PHE B 74 13.94 -26.23 -16.25
C PHE B 74 13.31 -25.07 -17.04
N ASP B 75 12.45 -25.40 -18.01
CA ASP B 75 11.87 -24.44 -18.99
C ASP B 75 10.68 -23.67 -18.38
N ASP B 76 10.17 -24.09 -17.21
CA ASP B 76 9.04 -23.43 -16.52
C ASP B 76 9.33 -21.93 -16.35
N ALA B 77 8.35 -21.08 -16.64
CA ALA B 77 8.42 -19.60 -16.55
C ALA B 77 8.89 -19.19 -15.15
N VAL B 78 8.41 -19.88 -14.11
CA VAL B 78 8.71 -19.59 -12.68
C VAL B 78 10.21 -19.80 -12.43
N VAL B 79 10.77 -20.93 -12.89
CA VAL B 79 12.19 -21.34 -12.67
C VAL B 79 13.12 -20.31 -13.33
N GLN B 80 12.83 -19.91 -14.57
CA GLN B 80 13.67 -18.96 -15.35
C GLN B 80 13.63 -17.58 -14.70
N SER B 81 12.48 -17.20 -14.13
CA SER B 81 12.27 -15.91 -13.40
C SER B 81 13.04 -15.91 -12.08
N ASP B 82 12.97 -17.02 -11.33
CA ASP B 82 13.56 -17.16 -9.96
C ASP B 82 15.09 -17.24 -10.04
N MET B 83 15.63 -17.84 -11.11
CA MET B 83 17.10 -18.05 -11.32
C MET B 83 17.83 -16.70 -11.30
N LYS B 84 17.17 -15.62 -11.70
CA LYS B 84 17.70 -14.23 -11.69
C LYS B 84 18.16 -13.84 -10.28
N HIS B 85 17.46 -14.33 -9.24
CA HIS B 85 17.58 -13.88 -7.83
C HIS B 85 18.52 -14.79 -7.01
N TRP B 86 19.06 -15.87 -7.60
CA TRP B 86 19.95 -16.84 -6.89
C TRP B 86 21.40 -16.65 -7.29
N PRO B 87 22.36 -16.65 -6.33
CA PRO B 87 23.79 -16.62 -6.64
C PRO B 87 24.36 -17.98 -7.08
N PHE B 88 23.62 -19.07 -6.84
CA PHE B 88 24.02 -20.46 -7.22
C PHE B 88 23.54 -20.77 -8.65
N MET B 89 24.23 -21.69 -9.32
CA MET B 89 23.92 -22.14 -10.71
C MET B 89 22.74 -23.09 -10.69
N VAL B 90 21.81 -22.92 -11.64
CA VAL B 90 20.76 -23.92 -11.99
C VAL B 90 20.96 -24.30 -13.46
N VAL B 91 21.21 -25.59 -13.73
CA VAL B 91 21.50 -26.12 -15.10
C VAL B 91 20.35 -27.02 -15.55
N ASN B 92 20.24 -27.24 -16.86
CA ASN B 92 19.25 -28.15 -17.50
C ASN B 92 19.88 -29.54 -17.67
N ASP B 93 19.32 -30.56 -17.02
CA ASP B 93 19.67 -31.98 -17.24
C ASP B 93 18.42 -32.72 -17.76
N ALA B 94 18.27 -32.76 -19.09
CA ALA B 94 17.19 -33.48 -19.82
C ALA B 94 15.83 -32.91 -19.45
N GLY B 95 15.71 -31.58 -19.37
CA GLY B 95 14.44 -30.87 -19.08
C GLY B 95 14.19 -30.69 -17.59
N ARG B 96 15.04 -31.26 -16.74
CA ARG B 96 14.93 -31.20 -15.25
C ARG B 96 15.96 -30.21 -14.71
N PRO B 97 15.58 -29.29 -13.80
CA PRO B 97 16.52 -28.34 -13.20
C PRO B 97 17.38 -29.03 -12.15
N LYS B 98 18.69 -28.75 -12.15
CA LYS B 98 19.66 -29.18 -11.12
C LYS B 98 20.45 -27.96 -10.64
N VAL B 99 20.60 -27.80 -9.32
CA VAL B 99 21.54 -26.81 -8.73
C VAL B 99 22.94 -27.39 -8.90
N GLN B 100 23.87 -26.60 -9.46
CA GLN B 100 25.29 -26.98 -9.65
C GLN B 100 26.15 -26.17 -8.67
N VAL B 101 27.07 -26.84 -7.98
CA VAL B 101 27.94 -26.25 -6.92
C VAL B 101 29.34 -26.86 -7.03
N GLU B 102 30.30 -26.26 -6.33
CA GLU B 102 31.64 -26.86 -6.06
C GLU B 102 31.60 -27.50 -4.68
N TYR B 103 31.98 -28.77 -4.59
CA TYR B 103 31.97 -29.60 -3.36
C TYR B 103 33.24 -30.47 -3.33
N LYS B 104 34.14 -30.19 -2.37
CA LYS B 104 35.43 -30.89 -2.18
C LYS B 104 36.26 -30.82 -3.48
N GLY B 105 36.31 -29.64 -4.11
CA GLY B 105 37.13 -29.36 -5.30
C GLY B 105 36.61 -30.04 -6.56
N GLU B 106 35.37 -30.54 -6.54
CA GLU B 106 34.68 -31.19 -7.68
C GLU B 106 33.35 -30.46 -7.95
N THR B 107 32.97 -30.34 -9.22
CA THR B 107 31.63 -29.89 -9.67
C THR B 107 30.62 -31.01 -9.39
N LYS B 108 29.54 -30.70 -8.67
CA LYS B 108 28.42 -31.63 -8.40
C LYS B 108 27.10 -30.93 -8.70
N SER B 109 26.14 -31.66 -9.27
CA SER B 109 24.75 -31.20 -9.55
C SER B 109 23.77 -32.02 -8.72
N PHE B 110 22.74 -31.36 -8.18
CA PHE B 110 21.70 -31.99 -7.32
C PHE B 110 20.31 -31.56 -7.80
N TYR B 111 19.38 -32.52 -7.89
CA TYR B 111 17.94 -32.27 -8.15
C TYR B 111 17.35 -31.55 -6.94
N PRO B 112 16.25 -30.78 -7.09
CA PRO B 112 15.64 -30.09 -5.96
C PRO B 112 15.27 -31.03 -4.80
N GLU B 113 14.72 -32.20 -5.12
CA GLU B 113 14.31 -33.23 -4.11
C GLU B 113 15.54 -33.76 -3.36
N GLU B 114 16.73 -33.71 -3.98
CA GLU B 114 18.01 -34.14 -3.33
C GLU B 114 18.43 -33.07 -2.31
N VAL B 115 18.30 -31.79 -2.64
CA VAL B 115 18.61 -30.66 -1.73
C VAL B 115 17.64 -30.72 -0.54
N SER B 116 16.34 -30.87 -0.83
CA SER B 116 15.26 -30.97 0.19
C SER B 116 15.43 -32.24 1.04
N SER B 117 15.94 -33.33 0.47
CA SER B 117 16.24 -34.60 1.22
C SER B 117 17.28 -34.31 2.30
N MET B 118 18.27 -33.47 2.02
CA MET B 118 19.35 -33.11 2.98
C MET B 118 18.75 -32.32 4.14
N VAL B 119 17.81 -31.41 3.86
CA VAL B 119 17.04 -30.66 4.89
C VAL B 119 16.20 -31.66 5.72
N LEU B 120 15.49 -32.57 5.04
CA LEU B 120 14.63 -33.59 5.71
C LEU B 120 15.50 -34.54 6.55
N THR B 121 16.69 -34.90 6.07
CA THR B 121 17.70 -35.71 6.81
C THR B 121 18.04 -34.99 8.13
N LYS B 122 18.26 -33.67 8.08
CA LYS B 122 18.53 -32.83 9.27
C LYS B 122 17.33 -32.91 10.24
N MET B 123 16.12 -32.71 9.72
CA MET B 123 14.86 -32.73 10.55
C MET B 123 14.70 -34.13 11.17
N LYS B 124 14.92 -35.19 10.39
CA LYS B 124 14.92 -36.61 10.87
C LYS B 124 15.86 -36.72 12.06
N GLU B 125 17.11 -36.28 11.91
CA GLU B 125 18.18 -36.36 12.95
C GLU B 125 17.77 -35.52 14.17
N ILE B 126 17.15 -34.35 13.97
CA ILE B 126 16.65 -33.49 15.07
C ILE B 126 15.67 -34.29 15.94
N ALA B 127 14.72 -34.99 15.32
CA ALA B 127 13.70 -35.82 16.00
C ALA B 127 14.36 -36.99 16.73
N GLU B 128 15.38 -37.61 16.13
CA GLU B 128 16.08 -38.80 16.68
C GLU B 128 16.93 -38.41 17.89
N ALA B 129 17.60 -37.25 17.83
CA ALA B 129 18.41 -36.68 18.93
C ALA B 129 17.52 -36.48 20.17
N TYR B 130 16.28 -36.01 19.97
CA TYR B 130 15.31 -35.73 21.06
C TYR B 130 14.67 -37.03 21.56
N LEU B 131 14.17 -37.87 20.65
CA LEU B 131 13.35 -39.07 20.99
C LEU B 131 14.24 -40.21 21.50
N GLY B 132 15.53 -40.23 21.11
CA GLY B 132 16.46 -41.32 21.45
C GLY B 132 16.12 -42.62 20.73
N LYS B 133 15.35 -42.52 19.64
CA LYS B 133 14.87 -43.67 18.82
C LYS B 133 15.08 -43.31 17.35
N THR B 134 15.18 -44.32 16.48
CA THR B 134 15.20 -44.14 15.00
C THR B 134 13.81 -43.68 14.57
N VAL B 135 13.75 -42.63 13.75
CA VAL B 135 12.50 -42.03 13.21
C VAL B 135 12.46 -42.36 11.71
N THR B 136 11.38 -42.99 11.26
CA THR B 136 11.16 -43.38 9.84
C THR B 136 9.86 -42.77 9.32
N ASN B 137 8.75 -43.00 10.01
CA ASN B 137 7.38 -42.58 9.58
C ASN B 137 7.23 -41.07 9.78
N ALA B 138 6.74 -40.37 8.76
CA ALA B 138 6.54 -38.90 8.79
C ALA B 138 5.35 -38.50 7.89
N VAL B 139 4.58 -37.51 8.33
CA VAL B 139 3.69 -36.70 7.47
C VAL B 139 4.46 -35.43 7.11
N VAL B 140 4.55 -35.10 5.82
CA VAL B 140 5.26 -33.89 5.30
C VAL B 140 4.20 -33.00 4.64
N THR B 141 4.29 -31.69 4.86
CA THR B 141 3.29 -30.69 4.37
C THR B 141 3.81 -30.00 3.11
N VAL B 142 2.89 -29.63 2.21
CA VAL B 142 3.14 -28.86 0.96
C VAL B 142 2.08 -27.78 0.86
N PRO B 143 2.31 -26.68 0.10
CA PRO B 143 1.26 -25.70 -0.17
C PRO B 143 0.08 -26.35 -0.90
N ALA B 144 -1.14 -25.84 -0.66
CA ALA B 144 -2.41 -26.38 -1.21
C ALA B 144 -2.38 -26.36 -2.74
N TYR B 145 -1.70 -25.39 -3.35
CA TYR B 145 -1.63 -25.18 -4.82
C TYR B 145 -0.57 -26.10 -5.46
N PHE B 146 0.22 -26.83 -4.67
CA PHE B 146 1.21 -27.80 -5.23
C PHE B 146 0.47 -28.83 -6.09
N ASN B 147 0.97 -29.07 -7.30
CA ASN B 147 0.46 -30.09 -8.26
C ASN B 147 1.09 -31.45 -7.89
N ASP B 148 0.74 -32.51 -8.62
CA ASP B 148 1.14 -33.91 -8.29
C ASP B 148 2.65 -34.09 -8.44
N SER B 149 3.27 -33.40 -9.41
CA SER B 149 4.73 -33.42 -9.66
C SER B 149 5.47 -32.88 -8.43
N GLN B 150 5.02 -31.74 -7.89
CA GLN B 150 5.60 -31.07 -6.70
C GLN B 150 5.35 -31.94 -5.45
N ARG B 151 4.18 -32.58 -5.35
CA ARG B 151 3.83 -33.48 -4.21
C ARG B 151 4.71 -34.73 -4.26
N GLN B 152 4.85 -35.33 -5.45
CA GLN B 152 5.66 -36.57 -5.68
C GLN B 152 7.13 -36.26 -5.40
N ALA B 153 7.64 -35.12 -5.85
CA ALA B 153 9.05 -34.70 -5.70
C ALA B 153 9.37 -34.46 -4.22
N THR B 154 8.43 -33.90 -3.46
CA THR B 154 8.57 -33.67 -1.99
C THR B 154 8.60 -35.02 -1.28
N LYS B 155 7.70 -35.94 -1.66
CA LYS B 155 7.65 -37.33 -1.14
C LYS B 155 8.99 -38.01 -1.41
N ASP B 156 9.50 -37.89 -2.64
CA ASP B 156 10.80 -38.49 -3.06
C ASP B 156 11.93 -37.95 -2.18
N ALA B 157 11.90 -36.65 -1.84
CA ALA B 157 12.89 -36.00 -0.94
C ALA B 157 12.91 -36.73 0.41
N GLY B 158 11.73 -37.06 0.94
CA GLY B 158 11.58 -37.83 2.19
C GLY B 158 12.16 -39.23 2.04
N THR B 159 11.82 -39.92 0.95
CA THR B 159 12.29 -41.29 0.62
C THR B 159 13.82 -41.30 0.56
N ILE B 160 14.43 -40.33 -0.12
CA ILE B 160 15.91 -40.20 -0.25
C ILE B 160 16.51 -39.97 1.14
N ALA B 161 15.81 -39.26 2.03
CA ALA B 161 16.22 -38.96 3.42
C ALA B 161 16.04 -40.17 4.34
N GLY B 162 15.52 -41.29 3.82
CA GLY B 162 15.28 -42.53 4.57
C GLY B 162 13.97 -42.49 5.34
N LEU B 163 13.13 -41.47 5.10
CA LEU B 163 11.79 -41.34 5.74
C LEU B 163 10.77 -42.14 4.94
N ASN B 164 9.87 -42.85 5.63
CA ASN B 164 8.62 -43.41 5.07
C ASN B 164 7.54 -42.32 5.19
N VAL B 165 7.22 -41.65 4.09
CA VAL B 165 6.22 -40.54 4.08
C VAL B 165 4.82 -41.17 4.05
N LEU B 166 4.15 -41.17 5.21
CA LEU B 166 2.79 -41.78 5.36
C LEU B 166 1.81 -41.05 4.44
N ARG B 167 1.92 -39.73 4.36
CA ARG B 167 1.03 -38.87 3.54
C ARG B 167 1.67 -37.50 3.32
N ILE B 168 1.45 -36.93 2.13
CA ILE B 168 1.65 -35.48 1.83
C ILE B 168 0.29 -34.80 2.06
N ILE B 169 0.23 -33.84 2.99
CA ILE B 169 -1.03 -33.09 3.29
C ILE B 169 -0.77 -31.60 3.07
N ASN B 170 -1.84 -30.84 2.84
CA ASN B 170 -1.77 -29.37 2.55
C ASN B 170 -1.43 -28.63 3.84
N GLU B 171 -0.53 -27.65 3.75
CA GLU B 171 -0.09 -26.78 4.88
C GLU B 171 -1.31 -26.16 5.57
N PRO B 172 -2.28 -25.54 4.84
CA PRO B 172 -3.44 -24.94 5.48
C PRO B 172 -4.36 -25.96 6.19
N THR B 173 -4.44 -27.19 5.70
CA THR B 173 -5.18 -28.31 6.35
C THR B 173 -4.52 -28.64 7.69
N ALA B 174 -3.19 -28.79 7.70
CA ALA B 174 -2.37 -29.02 8.91
C ALA B 174 -2.67 -27.92 9.94
N ALA B 175 -2.66 -26.65 9.52
CA ALA B 175 -2.94 -25.48 10.39
C ALA B 175 -4.31 -25.65 11.05
N ALA B 176 -5.34 -25.98 10.27
CA ALA B 176 -6.73 -26.18 10.72
C ALA B 176 -6.81 -27.38 11.67
N ILE B 177 -6.03 -28.44 11.40
CA ILE B 177 -5.94 -29.66 12.25
C ILE B 177 -5.32 -29.29 13.61
N ALA B 178 -4.25 -28.49 13.60
CA ALA B 178 -3.53 -28.04 14.82
C ALA B 178 -4.50 -27.34 15.78
N TYR B 179 -5.50 -26.62 15.26
CA TYR B 179 -6.50 -25.85 16.05
C TYR B 179 -7.78 -26.68 16.25
N GLY B 180 -7.78 -27.95 15.82
CA GLY B 180 -8.90 -28.89 15.97
C GLY B 180 -10.20 -28.35 15.38
N LEU B 181 -10.10 -27.62 14.26
CA LEU B 181 -11.27 -26.95 13.62
C LEU B 181 -12.19 -28.00 12.97
N ASP B 182 -11.69 -29.21 12.76
CA ASP B 182 -12.45 -30.34 12.13
C ASP B 182 -13.26 -31.10 13.19
N LYS B 183 -13.09 -30.77 14.48
CA LYS B 183 -13.79 -31.43 15.62
C LYS B 183 -14.93 -30.56 16.15
N LYS B 184 -15.05 -29.31 15.67
CA LYS B 184 -15.98 -28.28 16.20
C LYS B 184 -17.44 -28.62 15.82
N VAL B 185 -18.38 -28.26 16.69
CA VAL B 185 -19.85 -28.47 16.51
C VAL B 185 -20.36 -27.48 15.46
N GLY B 186 -21.29 -27.93 14.60
CA GLY B 186 -21.90 -27.11 13.54
C GLY B 186 -21.96 -27.86 12.22
N ALA B 187 -22.47 -27.22 11.17
CA ALA B 187 -22.46 -27.69 9.77
C ALA B 187 -21.11 -27.33 9.15
N GLU B 188 -21.02 -27.28 7.81
CA GLU B 188 -19.81 -26.86 7.06
C GLU B 188 -19.20 -25.62 7.73
N ARG B 189 -17.92 -25.71 8.14
CA ARG B 189 -17.14 -24.58 8.71
C ARG B 189 -16.25 -23.98 7.60
N ASN B 190 -16.40 -22.68 7.36
CA ASN B 190 -15.52 -21.89 6.45
C ASN B 190 -14.32 -21.39 7.27
N VAL B 191 -13.12 -21.78 6.86
CA VAL B 191 -11.84 -21.44 7.55
C VAL B 191 -10.96 -20.66 6.57
N LEU B 192 -10.43 -19.51 6.99
CA LEU B 192 -9.42 -18.74 6.23
C LEU B 192 -8.06 -18.89 6.92
N ILE B 193 -7.07 -19.38 6.18
CA ILE B 193 -5.66 -19.52 6.65
C ILE B 193 -4.86 -18.36 6.03
N PHE B 194 -4.25 -17.53 6.89
CA PHE B 194 -3.37 -16.40 6.52
C PHE B 194 -1.94 -16.81 6.89
N ASP B 195 -1.15 -17.25 5.90
CA ASP B 195 0.16 -17.91 6.09
C ASP B 195 1.28 -17.04 5.50
N LEU B 196 2.00 -16.30 6.35
CA LEU B 196 3.07 -15.35 5.96
C LEU B 196 4.40 -15.81 6.57
N GLY B 197 5.29 -16.35 5.72
CA GLY B 197 6.59 -16.90 6.13
C GLY B 197 7.73 -15.93 5.83
N GLY B 198 8.92 -16.47 5.57
CA GLY B 198 10.14 -15.70 5.28
C GLY B 198 10.17 -15.21 3.84
N GLY B 199 9.58 -15.97 2.91
CA GLY B 199 9.68 -15.74 1.45
C GLY B 199 8.35 -15.68 0.73
N THR B 200 7.27 -16.19 1.32
CA THR B 200 5.97 -16.42 0.63
C THR B 200 4.79 -16.00 1.51
N PHE B 201 3.71 -15.57 0.87
CA PHE B 201 2.41 -15.23 1.50
C PHE B 201 1.33 -16.09 0.84
N ASP B 202 0.69 -16.98 1.64
CA ASP B 202 -0.34 -17.93 1.17
C ASP B 202 -1.64 -17.65 1.93
N VAL B 203 -2.71 -17.32 1.20
CA VAL B 203 -4.10 -17.27 1.73
C VAL B 203 -4.84 -18.49 1.21
N SER B 204 -5.52 -19.21 2.09
CA SER B 204 -6.35 -20.40 1.76
C SER B 204 -7.70 -20.28 2.46
N ILE B 205 -8.78 -20.59 1.74
CA ILE B 205 -10.13 -20.79 2.36
C ILE B 205 -10.49 -22.27 2.20
N LEU B 206 -10.67 -22.96 3.31
CA LEU B 206 -11.13 -24.37 3.38
C LEU B 206 -12.58 -24.39 3.88
N THR B 207 -13.36 -25.37 3.42
CA THR B 207 -14.65 -25.78 4.04
C THR B 207 -14.43 -27.15 4.68
N ILE B 208 -14.81 -27.29 5.96
CA ILE B 208 -14.72 -28.57 6.72
C ILE B 208 -16.16 -29.02 7.03
N GLU B 209 -16.55 -30.18 6.49
CA GLU B 209 -17.89 -30.79 6.71
C GLU B 209 -17.70 -32.28 7.01
N ASP B 210 -18.10 -32.72 8.21
CA ASP B 210 -17.98 -34.12 8.70
C ASP B 210 -16.50 -34.52 8.70
N GLY B 211 -15.61 -33.60 9.10
CA GLY B 211 -14.16 -33.81 9.21
C GLY B 211 -13.47 -33.94 7.85
N ILE B 212 -14.16 -33.58 6.77
CA ILE B 212 -13.64 -33.65 5.36
C ILE B 212 -13.22 -32.24 4.93
N PHE B 213 -11.96 -32.07 4.53
CA PHE B 213 -11.36 -30.77 4.11
C PHE B 213 -11.51 -30.61 2.59
N GLU B 214 -11.96 -29.44 2.15
CA GLU B 214 -12.00 -29.06 0.71
C GLU B 214 -11.45 -27.64 0.55
N VAL B 215 -10.50 -27.47 -0.36
CA VAL B 215 -9.89 -26.15 -0.71
C VAL B 215 -10.87 -25.40 -1.62
N LYS B 216 -11.42 -24.28 -1.16
CA LYS B 216 -12.38 -23.44 -1.93
C LYS B 216 -11.60 -22.50 -2.85
N SER B 217 -10.58 -21.83 -2.30
CA SER B 217 -9.75 -20.83 -3.03
C SER B 217 -8.37 -20.71 -2.40
N THR B 218 -7.37 -20.34 -3.21
CA THR B 218 -6.01 -19.92 -2.77
C THR B 218 -5.69 -18.57 -3.42
N ALA B 219 -4.87 -17.78 -2.74
CA ALA B 219 -4.40 -16.44 -3.18
C ALA B 219 -3.15 -16.09 -2.38
N GLY B 220 -2.56 -14.92 -2.65
CA GLY B 220 -1.36 -14.43 -1.94
C GLY B 220 -0.29 -13.99 -2.93
N ASP B 221 0.95 -13.99 -2.49
CA ASP B 221 2.13 -13.49 -3.24
C ASP B 221 3.30 -14.42 -2.96
N THR B 222 3.75 -15.17 -3.97
CA THR B 222 4.81 -16.19 -3.86
C THR B 222 6.17 -15.53 -3.54
N HIS B 223 6.26 -14.20 -3.62
CA HIS B 223 7.53 -13.46 -3.39
C HIS B 223 7.38 -12.36 -2.32
N LEU B 224 6.33 -12.40 -1.50
CA LEU B 224 6.20 -11.52 -0.29
C LEU B 224 6.43 -12.36 0.97
N GLY B 225 7.37 -11.93 1.81
CA GLY B 225 7.67 -12.59 3.10
C GLY B 225 8.48 -11.70 4.03
N GLY B 226 8.86 -12.23 5.20
CA GLY B 226 9.61 -11.52 6.25
C GLY B 226 10.89 -10.88 5.72
N GLU B 227 11.55 -11.52 4.75
CA GLU B 227 12.83 -11.04 4.16
C GLU B 227 12.63 -9.69 3.48
N ASP B 228 11.42 -9.40 2.96
CA ASP B 228 11.08 -8.09 2.36
C ASP B 228 11.04 -7.02 3.46
N PHE B 229 10.55 -7.36 4.65
CA PHE B 229 10.53 -6.45 5.82
C PHE B 229 11.96 -6.19 6.27
N ASP B 230 12.79 -7.24 6.28
CA ASP B 230 14.25 -7.15 6.60
C ASP B 230 14.94 -6.21 5.60
N ASN B 231 14.63 -6.39 4.30
N ASN B 231 14.62 -6.35 4.31
CA ASN B 231 15.15 -5.58 3.16
CA ASN B 231 15.24 -5.55 3.21
C ASN B 231 14.90 -4.09 3.42
C ASN B 231 14.90 -4.06 3.40
N ARG B 232 13.66 -3.75 3.82
CA ARG B 232 13.22 -2.35 4.09
C ARG B 232 14.02 -1.77 5.27
N MET B 233 14.34 -2.59 6.27
CA MET B 233 15.15 -2.18 7.45
C MET B 233 16.60 -1.97 7.00
N VAL B 234 17.15 -2.90 6.21
CA VAL B 234 18.55 -2.84 5.68
C VAL B 234 18.73 -1.52 4.92
N ASN B 235 17.82 -1.21 3.99
CA ASN B 235 17.88 0.02 3.15
C ASN B 235 17.82 1.26 4.05
N HIS B 236 16.95 1.24 5.06
CA HIS B 236 16.79 2.32 6.08
C HIS B 236 18.14 2.59 6.76
N PHE B 237 18.82 1.55 7.24
CA PHE B 237 20.08 1.66 8.04
C PHE B 237 21.27 1.97 7.13
N ILE B 238 21.28 1.50 5.88
CA ILE B 238 22.34 1.87 4.89
C ILE B 238 22.29 3.38 4.67
N ALA B 239 21.08 3.94 4.51
CA ALA B 239 20.82 5.39 4.35
C ALA B 239 21.24 6.14 5.62
N GLU B 240 20.89 5.59 6.80
CA GLU B 240 21.24 6.18 8.12
C GLU B 240 22.77 6.23 8.27
N PHE B 241 23.45 5.12 7.94
CA PHE B 241 24.94 5.00 8.04
C PHE B 241 25.60 6.03 7.10
N LYS B 242 25.04 6.21 5.89
CA LYS B 242 25.58 7.13 4.86
C LYS B 242 25.45 8.58 5.34
N ARG B 243 24.27 8.98 5.83
CA ARG B 243 24.00 10.36 6.32
C ARG B 243 24.95 10.69 7.47
N LYS B 244 25.19 9.75 8.40
CA LYS B 244 26.02 9.98 9.61
C LYS B 244 27.52 10.01 9.23
N HIS B 245 28.01 9.00 8.52
CA HIS B 245 29.46 8.73 8.30
C HIS B 245 29.90 9.12 6.88
N LYS B 246 28.98 9.53 6.00
CA LYS B 246 29.23 9.84 4.56
C LYS B 246 29.97 8.66 3.92
N LYS B 247 29.51 7.44 4.19
CA LYS B 247 30.09 6.18 3.65
C LYS B 247 28.97 5.20 3.28
N ASP B 248 29.02 4.64 2.07
CA ASP B 248 28.03 3.69 1.52
C ASP B 248 28.56 2.26 1.70
N ILE B 249 27.87 1.45 2.51
CA ILE B 249 28.27 0.04 2.87
C ILE B 249 27.73 -0.94 1.82
N SER B 250 26.90 -0.45 0.88
CA SER B 250 26.07 -1.24 -0.08
C SER B 250 26.88 -2.35 -0.77
N GLU B 251 28.13 -2.09 -1.13
CA GLU B 251 28.93 -2.98 -2.02
C GLU B 251 29.82 -3.94 -1.22
N ASN B 252 29.88 -3.78 0.11
CA ASN B 252 30.56 -4.73 1.02
C ASN B 252 29.55 -5.82 1.42
N LYS B 253 29.66 -7.00 0.82
CA LYS B 253 28.69 -8.12 0.94
C LYS B 253 28.61 -8.59 2.41
N ARG B 254 29.76 -8.65 3.09
CA ARG B 254 29.89 -9.09 4.51
C ARG B 254 29.15 -8.08 5.42
N ALA B 255 29.42 -6.78 5.22
CA ALA B 255 28.82 -5.66 5.98
C ALA B 255 27.29 -5.75 5.89
N VAL B 256 26.76 -5.85 4.67
CA VAL B 256 25.29 -5.89 4.40
C VAL B 256 24.68 -7.15 5.04
N ARG B 257 25.35 -8.30 4.93
CA ARG B 257 24.90 -9.58 5.54
C ARG B 257 24.78 -9.39 7.06
N ARG B 258 25.82 -8.84 7.70
CA ARG B 258 25.86 -8.60 9.17
C ARG B 258 24.72 -7.65 9.56
N LEU B 259 24.49 -6.60 8.77
CA LEU B 259 23.38 -5.63 9.02
C LEU B 259 22.04 -6.35 8.86
N ARG B 260 21.90 -7.17 7.81
CA ARG B 260 20.66 -7.95 7.53
C ARG B 260 20.34 -8.84 8.73
N THR B 261 21.33 -9.61 9.22
CA THR B 261 21.20 -10.51 10.39
C THR B 261 20.67 -9.69 11.58
N ALA B 262 21.30 -8.55 11.87
CA ALA B 262 20.92 -7.62 12.96
C ALA B 262 19.47 -7.14 12.77
N CYS B 263 19.08 -6.80 11.53
CA CYS B 263 17.73 -6.28 11.18
C CYS B 263 16.66 -7.35 11.45
N GLU B 264 16.92 -8.60 11.06
CA GLU B 264 15.97 -9.73 11.26
C GLU B 264 15.77 -9.96 12.76
N ARG B 265 16.86 -9.96 13.53
CA ARG B 265 16.84 -10.11 15.02
C ARG B 265 16.00 -8.98 15.62
N ALA B 266 16.28 -7.72 15.24
CA ALA B 266 15.57 -6.50 15.69
C ALA B 266 14.07 -6.62 15.40
N LYS B 267 13.72 -7.05 14.18
CA LYS B 267 12.31 -7.24 13.73
C LYS B 267 11.57 -8.16 14.70
N ARG B 268 12.14 -9.35 14.97
CA ARG B 268 11.54 -10.37 15.88
C ARG B 268 11.28 -9.76 17.26
N THR B 269 12.26 -9.01 17.79
CA THR B 269 12.20 -8.29 19.08
C THR B 269 11.05 -7.27 19.05
N LEU B 270 10.81 -6.62 17.91
CA LEU B 270 9.77 -5.57 17.76
C LEU B 270 8.36 -6.17 17.77
N SER B 271 8.24 -7.50 17.72
CA SER B 271 6.94 -8.22 17.86
C SER B 271 6.52 -8.31 19.34
N SER B 272 7.49 -8.21 20.25
N SER B 272 7.47 -8.19 20.27
CA SER B 272 7.30 -8.31 21.73
CA SER B 272 7.24 -8.30 21.74
C SER B 272 7.56 -6.96 22.41
C SER B 272 7.74 -7.05 22.49
N SER B 273 8.39 -6.10 21.81
CA SER B 273 8.86 -4.82 22.40
C SER B 273 8.52 -3.66 21.45
N THR B 274 8.46 -2.42 21.97
CA THR B 274 8.18 -1.20 21.18
C THR B 274 9.49 -0.60 20.65
N GLN B 275 10.64 -1.18 20.99
CA GLN B 275 11.97 -0.75 20.50
C GLN B 275 12.93 -1.94 20.47
N ALA B 276 14.03 -1.81 19.71
CA ALA B 276 15.05 -2.86 19.50
C ALA B 276 16.39 -2.20 19.19
N SER B 277 17.47 -2.74 19.75
CA SER B 277 18.86 -2.23 19.60
C SER B 277 19.57 -2.95 18.46
N ILE B 278 20.39 -2.22 17.69
CA ILE B 278 21.28 -2.75 16.63
C ILE B 278 22.72 -2.58 17.12
N GLU B 279 23.45 -3.68 17.31
CA GLU B 279 24.82 -3.70 17.88
C GLU B 279 25.76 -4.48 16.96
N ILE B 280 26.55 -3.75 16.15
CA ILE B 280 27.52 -4.33 15.18
C ILE B 280 28.87 -3.62 15.37
N ASP B 281 29.87 -4.36 15.86
CA ASP B 281 31.28 -3.87 15.98
C ASP B 281 31.91 -3.89 14.60
N SER B 282 32.61 -2.81 14.22
CA SER B 282 33.38 -2.70 12.97
C SER B 282 32.51 -3.13 11.78
N LEU B 283 31.34 -2.50 11.60
CA LEU B 283 30.42 -2.76 10.46
C LEU B 283 31.13 -2.43 9.15
N TYR B 284 31.81 -1.28 9.08
CA TYR B 284 32.42 -0.74 7.84
C TYR B 284 33.64 0.14 8.18
N GLU B 285 34.81 -0.24 7.66
CA GLU B 285 36.09 0.53 7.76
C GLU B 285 36.33 0.94 9.21
N GLY B 286 36.13 0.00 10.16
CA GLY B 286 36.45 0.16 11.59
C GLY B 286 35.39 0.94 12.36
N ILE B 287 34.29 1.33 11.72
CA ILE B 287 33.21 2.15 12.34
C ILE B 287 32.16 1.19 12.92
N ASP B 288 31.95 1.25 14.23
CA ASP B 288 30.90 0.48 14.96
C ASP B 288 29.53 1.06 14.58
N PHE B 289 28.51 0.21 14.52
CA PHE B 289 27.10 0.64 14.31
C PHE B 289 26.25 0.18 15.51
N TYR B 290 26.08 1.10 16.46
CA TYR B 290 25.19 0.97 17.65
C TYR B 290 24.07 2.01 17.51
N THR B 291 22.85 1.53 17.28
CA THR B 291 21.65 2.38 17.10
C THR B 291 20.42 1.60 17.58
N SER B 292 19.23 2.16 17.36
CA SER B 292 17.93 1.52 17.70
C SER B 292 16.92 1.79 16.59
N ILE B 293 15.75 1.16 16.70
CA ILE B 293 14.56 1.42 15.84
C ILE B 293 13.32 1.17 16.69
N THR B 294 12.33 2.07 16.63
CA THR B 294 11.02 1.90 17.30
C THR B 294 10.14 0.98 16.45
N ARG B 295 9.15 0.34 17.07
CA ARG B 295 8.11 -0.46 16.37
C ARG B 295 7.42 0.45 15.35
N ALA B 296 7.12 1.69 15.74
CA ALA B 296 6.43 2.71 14.91
C ALA B 296 7.19 2.90 13.60
N ARG B 297 8.51 3.09 13.66
CA ARG B 297 9.39 3.28 12.47
C ARG B 297 9.37 2.01 11.61
N PHE B 298 9.47 0.83 12.24
CA PHE B 298 9.44 -0.49 11.54
C PHE B 298 8.14 -0.60 10.73
N GLU B 299 7.01 -0.28 11.38
CA GLU B 299 5.66 -0.29 10.76
C GLU B 299 5.60 0.70 9.59
N GLU B 300 6.14 1.90 9.78
CA GLU B 300 6.17 2.99 8.75
C GLU B 300 6.93 2.49 7.51
N LEU B 301 8.11 1.88 7.70
CA LEU B 301 8.98 1.38 6.60
C LEU B 301 8.25 0.31 5.77
N ASN B 302 7.28 -0.38 6.37
CA ASN B 302 6.63 -1.57 5.76
C ASN B 302 5.11 -1.37 5.63
N ALA B 303 4.61 -0.14 5.77
CA ALA B 303 3.18 0.19 5.84
C ALA B 303 2.45 -0.33 4.58
N ASP B 304 3.06 -0.16 3.40
CA ASP B 304 2.45 -0.54 2.10
C ASP B 304 2.41 -2.07 1.97
N LEU B 305 3.47 -2.76 2.40
CA LEU B 305 3.57 -4.24 2.31
C LEU B 305 2.55 -4.89 3.26
N PHE B 306 2.48 -4.41 4.51
CA PHE B 306 1.56 -4.93 5.56
C PHE B 306 0.10 -4.83 5.09
N ARG B 307 -0.36 -3.63 4.70
CA ARG B 307 -1.78 -3.38 4.30
C ARG B 307 -2.11 -4.15 3.03
N GLY B 308 -1.13 -4.29 2.13
CA GLY B 308 -1.27 -5.00 0.83
C GLY B 308 -1.64 -6.47 1.00
N THR B 309 -1.38 -7.08 2.16
CA THR B 309 -1.66 -8.51 2.44
C THR B 309 -3.18 -8.75 2.50
N LEU B 310 -3.99 -7.70 2.67
CA LEU B 310 -5.46 -7.81 2.78
C LEU B 310 -6.10 -7.96 1.38
N ASP B 311 -5.39 -7.57 0.32
CA ASP B 311 -5.92 -7.68 -1.07
C ASP B 311 -6.08 -9.15 -1.45
N PRO B 312 -5.05 -10.02 -1.30
CA PRO B 312 -5.24 -11.46 -1.47
C PRO B 312 -6.32 -12.09 -0.59
N VAL B 313 -6.59 -11.56 0.60
CA VAL B 313 -7.69 -12.04 1.49
C VAL B 313 -9.02 -11.78 0.77
N GLU B 314 -9.22 -10.55 0.27
CA GLU B 314 -10.44 -10.13 -0.48
C GLU B 314 -10.61 -11.02 -1.73
N LYS B 315 -9.51 -11.25 -2.46
CA LYS B 315 -9.49 -12.08 -3.70
C LYS B 315 -9.93 -13.51 -3.36
N ALA B 316 -9.39 -14.09 -2.28
CA ALA B 316 -9.70 -15.46 -1.80
C ALA B 316 -11.18 -15.57 -1.44
N LEU B 317 -11.72 -14.57 -0.71
CA LEU B 317 -13.15 -14.52 -0.31
C LEU B 317 -14.03 -14.45 -1.56
N ARG B 318 -13.62 -13.62 -2.53
CA ARG B 318 -14.31 -13.41 -3.84
C ARG B 318 -14.37 -14.73 -4.61
N ASP B 319 -13.24 -15.44 -4.75
CA ASP B 319 -13.13 -16.71 -5.51
C ASP B 319 -13.94 -17.81 -4.84
N ALA B 320 -13.97 -17.84 -3.50
CA ALA B 320 -14.72 -18.83 -2.68
C ALA B 320 -16.21 -18.46 -2.62
N LYS B 321 -16.60 -17.27 -3.11
CA LYS B 321 -17.98 -16.73 -3.10
C LYS B 321 -18.49 -16.65 -1.66
N LEU B 322 -17.67 -16.13 -0.74
CA LEU B 322 -18.05 -15.92 0.69
C LEU B 322 -17.81 -14.45 1.04
N ASP B 323 -18.75 -13.86 1.79
CA ASP B 323 -18.56 -12.58 2.51
C ASP B 323 -17.65 -12.86 3.70
N LYS B 324 -16.89 -11.87 4.16
CA LYS B 324 -15.97 -12.00 5.32
C LYS B 324 -16.77 -12.47 6.54
N SER B 325 -18.06 -12.08 6.65
CA SER B 325 -18.97 -12.45 7.77
C SER B 325 -19.26 -13.96 7.79
N GLN B 326 -18.98 -14.68 6.70
CA GLN B 326 -19.28 -16.13 6.55
C GLN B 326 -18.08 -17.01 6.94
N ILE B 327 -16.96 -16.39 7.32
CA ILE B 327 -15.75 -17.12 7.81
C ILE B 327 -15.95 -17.43 9.30
N HIS B 328 -15.94 -18.73 9.65
CA HIS B 328 -16.14 -19.23 11.05
C HIS B 328 -14.84 -19.09 11.84
N ASP B 329 -13.69 -19.39 11.22
CA ASP B 329 -12.36 -19.43 11.88
C ASP B 329 -11.34 -18.71 11.00
N ILE B 330 -10.54 -17.82 11.61
CA ILE B 330 -9.35 -17.18 10.99
C ILE B 330 -8.11 -17.73 11.70
N VAL B 331 -7.13 -18.24 10.94
CA VAL B 331 -5.90 -18.89 11.49
C VAL B 331 -4.68 -18.09 11.02
N LEU B 332 -3.91 -17.56 11.98
CA LEU B 332 -2.60 -16.89 11.73
C LEU B 332 -1.49 -17.95 11.84
N VAL B 333 -0.74 -18.14 10.74
N VAL B 333 -0.77 -18.20 10.74
CA VAL B 333 0.34 -19.15 10.61
CA VAL B 333 0.40 -19.13 10.70
C VAL B 333 1.51 -18.49 9.84
C VAL B 333 1.52 -18.47 9.89
N GLY B 334 2.73 -19.02 9.99
CA GLY B 334 3.95 -18.42 9.42
C GLY B 334 4.56 -17.43 10.40
N GLY B 335 5.89 -17.40 10.48
CA GLY B 335 6.65 -16.62 11.49
C GLY B 335 6.33 -15.14 11.46
N SER B 336 5.98 -14.58 10.29
CA SER B 336 5.77 -13.12 10.08
C SER B 336 4.44 -12.66 10.72
N THR B 337 3.50 -13.57 11.01
CA THR B 337 2.18 -13.21 11.57
C THR B 337 2.31 -12.89 13.07
N ARG B 338 3.52 -12.99 13.64
CA ARG B 338 3.84 -12.51 15.01
C ARG B 338 3.84 -10.98 15.04
N ILE B 339 4.07 -10.32 13.89
CA ILE B 339 4.14 -8.84 13.78
C ILE B 339 2.80 -8.26 14.20
N PRO B 340 2.71 -7.55 15.35
CA PRO B 340 1.44 -7.03 15.86
C PRO B 340 0.58 -6.24 14.85
N LYS B 341 1.21 -5.45 13.97
CA LYS B 341 0.50 -4.61 12.97
C LYS B 341 -0.22 -5.49 11.96
N ILE B 342 0.36 -6.65 11.60
CA ILE B 342 -0.26 -7.66 10.69
C ILE B 342 -1.50 -8.23 11.39
N GLN B 343 -1.38 -8.57 12.68
CA GLN B 343 -2.46 -9.15 13.49
C GLN B 343 -3.62 -8.13 13.56
N LYS B 344 -3.30 -6.87 13.86
CA LYS B 344 -4.30 -5.77 14.00
C LYS B 344 -5.05 -5.59 12.67
N LEU B 345 -4.31 -5.50 11.56
CA LEU B 345 -4.87 -5.27 10.20
C LEU B 345 -5.93 -6.33 9.88
N LEU B 346 -5.60 -7.61 10.10
CA LEU B 346 -6.50 -8.75 9.75
C LEU B 346 -7.71 -8.78 10.69
N GLN B 347 -7.51 -8.54 11.99
CA GLN B 347 -8.63 -8.51 12.97
C GLN B 347 -9.56 -7.34 12.62
N ASP B 348 -9.00 -6.17 12.26
CA ASP B 348 -9.77 -4.98 11.82
C ASP B 348 -10.55 -5.33 10.54
N PHE B 349 -9.91 -6.04 9.60
CA PHE B 349 -10.51 -6.48 8.32
C PHE B 349 -11.76 -7.33 8.61
N PHE B 350 -11.75 -8.12 9.69
CA PHE B 350 -12.86 -9.02 10.09
C PHE B 350 -13.68 -8.40 11.24
N ASN B 351 -13.71 -7.05 11.32
CA ASN B 351 -14.64 -6.30 12.20
C ASN B 351 -14.44 -6.70 13.67
N GLY B 352 -13.19 -6.95 14.07
CA GLY B 352 -12.81 -7.22 15.48
C GLY B 352 -12.85 -8.70 15.84
N LYS B 353 -13.14 -9.58 14.89
CA LYS B 353 -13.28 -11.05 15.14
C LYS B 353 -11.94 -11.60 15.66
N GLU B 354 -11.99 -12.35 16.76
CA GLU B 354 -10.81 -13.00 17.41
C GLU B 354 -10.15 -13.96 16.41
N LEU B 355 -8.81 -13.94 16.35
CA LEU B 355 -8.00 -14.81 15.45
C LEU B 355 -7.49 -16.02 16.24
N ASN B 356 -7.34 -17.16 15.57
CA ASN B 356 -6.62 -18.35 16.11
C ASN B 356 -5.12 -18.12 15.93
N LYS B 357 -4.41 -17.82 17.04
CA LYS B 357 -2.96 -17.47 17.01
C LYS B 357 -2.22 -17.95 18.27
N SER B 358 -2.86 -18.75 19.14
CA SER B 358 -2.28 -19.21 20.43
C SER B 358 -1.11 -20.17 20.18
N ILE B 359 -1.16 -20.96 19.09
CA ILE B 359 -0.04 -21.85 18.68
C ILE B 359 1.01 -21.00 17.98
N ASN B 360 2.28 -21.07 18.41
CA ASN B 360 3.44 -20.39 17.78
C ASN B 360 3.27 -20.49 16.26
N PRO B 361 3.01 -19.37 15.55
CA PRO B 361 2.64 -19.43 14.13
C PRO B 361 3.62 -20.16 13.20
N ASP B 362 4.91 -20.17 13.54
CA ASP B 362 5.98 -20.80 12.73
C ASP B 362 6.09 -22.29 13.08
N GLU B 363 5.24 -22.79 13.98
CA GLU B 363 5.23 -24.20 14.47
C GLU B 363 3.89 -24.87 14.16
N ALA B 364 2.86 -24.11 13.82
CA ALA B 364 1.44 -24.56 13.72
C ALA B 364 1.27 -25.62 12.63
N VAL B 365 1.99 -25.50 11.50
CA VAL B 365 1.89 -26.46 10.37
C VAL B 365 2.53 -27.79 10.78
N ALA B 366 3.71 -27.75 11.41
CA ALA B 366 4.40 -28.93 11.97
C ALA B 366 3.50 -29.57 13.04
N TYR B 367 2.86 -28.75 13.86
CA TYR B 367 1.92 -29.16 14.95
C TYR B 367 0.81 -30.02 14.34
N GLY B 368 0.15 -29.50 13.28
CA GLY B 368 -0.92 -30.19 12.54
C GLY B 368 -0.45 -31.49 11.91
N ALA B 369 0.71 -31.45 11.24
CA ALA B 369 1.37 -32.62 10.60
C ALA B 369 1.61 -33.70 11.65
N ALA B 370 2.12 -33.32 12.84
CA ALA B 370 2.45 -34.24 13.96
C ALA B 370 1.18 -34.95 14.44
N VAL B 371 0.08 -34.21 14.60
CA VAL B 371 -1.25 -34.76 15.00
C VAL B 371 -1.69 -35.79 13.96
N GLN B 372 -1.61 -35.41 12.67
CA GLN B 372 -2.05 -36.29 11.55
C GLN B 372 -1.18 -37.55 11.52
N ALA B 373 0.13 -37.40 11.72
CA ALA B 373 1.11 -38.52 11.73
C ALA B 373 0.73 -39.52 12.82
N ALA B 374 0.35 -39.01 14.01
CA ALA B 374 -0.10 -39.82 15.17
C ALA B 374 -1.38 -40.57 14.81
N ILE B 375 -2.35 -39.88 14.21
CA ILE B 375 -3.65 -40.47 13.77
C ILE B 375 -3.37 -41.63 12.80
N LEU B 376 -2.57 -41.40 11.76
CA LEU B 376 -2.32 -42.39 10.66
C LEU B 376 -1.55 -43.60 11.20
N SER B 377 -0.70 -43.42 12.21
CA SER B 377 0.13 -44.49 12.84
C SER B 377 -0.64 -45.19 13.97
N GLY B 378 -1.84 -44.70 14.30
CA GLY B 378 -2.74 -45.29 15.30
C GLY B 378 -2.33 -44.97 16.73
N ASP B 379 -1.55 -43.90 16.92
CA ASP B 379 -1.04 -43.45 18.24
C ASP B 379 -1.95 -42.35 18.80
N LYS B 380 -3.07 -42.05 18.14
CA LYS B 380 -4.08 -41.05 18.56
C LYS B 380 -5.48 -41.56 18.22
C ACT C . -16.36 32.38 -17.68
O ACT C . -15.42 33.14 -17.39
OXT ACT C . -16.23 31.16 -17.89
CH3 ACT C . -17.76 32.99 -17.82
CA CA D . 1.62 13.97 -5.93
CA CA E . -11.27 19.78 -3.87
PB ADP F . -8.74 20.05 -6.16
O1B ADP F . -8.57 21.53 -6.42
O2B ADP F . -7.52 19.25 -6.55
O3B ADP F . -9.21 19.76 -4.76
PA ADP F . -11.16 18.56 -7.07
O1A ADP F . -11.63 18.47 -5.65
O2A ADP F . -12.15 18.95 -8.11
O3A ADP F . -9.90 19.56 -7.16
O5' ADP F . -10.47 17.18 -7.49
C5' ADP F . -9.85 17.11 -8.80
C4' ADP F . -9.40 15.71 -9.09
O4' ADP F . -10.57 14.85 -9.17
C3' ADP F . -8.64 15.49 -10.40
O3' ADP F . -7.52 14.63 -10.23
C2' ADP F . -9.68 14.84 -11.31
O2' ADP F . -9.12 14.03 -12.32
C1' ADP F . -10.43 14.00 -10.28
N9 ADP F . -11.74 13.54 -10.74
C8 ADP F . -12.79 14.33 -11.15
N7 ADP F . -13.84 13.63 -11.52
C5 ADP F . -13.44 12.31 -11.37
C6 ADP F . -14.11 11.09 -11.61
N6 ADP F . -15.33 11.00 -12.09
N1 ADP F . -13.42 9.95 -11.36
C2 ADP F . -12.18 10.04 -10.88
N3 ADP F . -11.45 11.14 -10.62
C4 ADP F . -12.16 12.24 -10.89
C1 GOL G . -9.54 -3.18 6.06
O1 GOL G . -10.75 -2.75 5.45
C2 GOL G . -9.30 -2.47 7.38
O2 GOL G . -10.24 -2.94 8.35
C3 GOL G . -7.89 -2.63 7.92
O3 GOL G . -7.43 -1.44 8.53
PB ADP H . 9.08 -20.18 5.98
O1B ADP H . 7.59 -20.36 5.85
O2B ADP H . 9.58 -18.95 5.24
O3B ADP H . 9.87 -21.43 5.62
PA ADP H . 8.55 -19.42 8.83
O1A ADP H . 7.11 -19.76 8.68
O2A ADP H . 9.25 -19.89 10.06
O3A ADP H . 9.38 -19.92 7.54
O5' ADP H . 8.72 -17.83 8.70
C5' ADP H . 10.05 -17.27 8.68
C4' ADP H . 9.95 -15.77 8.83
O4' ADP H . 9.35 -15.46 10.11
C3' ADP H . 11.28 -15.01 8.80
O3' ADP H . 11.21 -13.88 7.94
C2' ADP H . 11.47 -14.56 10.25
O2' ADP H . 12.22 -13.37 10.38
C1' ADP H . 10.02 -14.35 10.65
N9 ADP H . 9.79 -14.30 12.09
C8 ADP H . 10.06 -15.27 13.02
N7 ADP H . 9.77 -14.92 14.25
C5 ADP H . 9.29 -13.62 14.12
C6 ADP H . 8.81 -12.69 15.06
N6 ADP H . 8.75 -12.92 16.37
N1 ADP H . 8.40 -11.48 14.59
C2 ADP H . 8.46 -11.25 13.28
N3 ADP H . 8.89 -12.04 12.30
C4 ADP H . 9.29 -13.22 12.79
C ACT I . 20.64 -31.45 15.09
O ACT I . 20.46 -30.29 15.50
OXT ACT I . 21.03 -31.72 13.93
CH3 ACT I . 20.36 -32.61 16.05
CA CA J . 6.16 -21.27 7.25
CA CA K . 10.45 -10.95 -1.71
#